data_3MF0
#
_entry.id   3MF0
#
_cell.length_a   144.534
_cell.length_b   144.534
_cell.length_c   135.008
_cell.angle_alpha   90.00
_cell.angle_beta   90.00
_cell.angle_gamma   120.00
#
_symmetry.space_group_name_H-M   'P 31 2 1'
#
_entity_poly.entity_id   1
_entity_poly.type   'polypeptide(L)'
_entity_poly.pdbx_seq_one_letter_code
;ADNSVPGTPTRKISASEFDRPLRPIVVKDSEGTVSFLSDSEKKEQMPLTPPRFDHDEGDQSSRLLELVKDISSHLDVTAL
CHKIFLHIHGLISADRYSLFLVCEDSSNDKFLISRLFDVAEGSTLEEVSNNCIRLEWNKGIVGHVAALGEPLNIKDAYED
PRFNAEVDQITGYKTQSILCMPIKNHREEVVGVAQAINKKSGNGGTFTEKDEKDFAAYLAFCGIVLHNAQLYETSLLENK
RNQVLLDLASLIFEEQQSLEVILKKIAATIISFMQVQKCTIFIVDEDCSDSFSSVFHMECEELEKSSDTLTREHDANKIN
YMYAQYVKNTMEPLNIPDVSKDKRFPWTTENTGNVNQQCIRSLLCTPIKNGKKNKVIGVCQLVNKMEENTGKVKPFNRND
EQFLEAFVIFCGLGIQNTQMYEAVERAMAKRN
;
_entity_poly.pdbx_strand_id   A,B
#
# COMPACT_ATOMS: atom_id res chain seq x y z
N SER A 14 -1.57 -0.56 -16.35
CA SER A 14 -1.93 -1.92 -16.87
C SER A 14 -1.25 -3.12 -16.19
N ALA A 15 -1.85 -4.31 -16.36
CA ALA A 15 -1.90 -5.34 -15.32
C ALA A 15 -0.57 -6.02 -15.10
N SER A 16 0.40 -5.73 -15.95
CA SER A 16 1.58 -6.55 -16.04
C SER A 16 2.76 -6.02 -15.22
N GLU A 17 2.62 -4.86 -14.58
CA GLU A 17 3.56 -4.55 -13.50
C GLU A 17 3.07 -4.96 -12.15
N PHE A 18 1.87 -5.50 -12.15
CA PHE A 18 1.36 -6.12 -10.97
C PHE A 18 1.68 -7.60 -10.84
N ASP A 19 2.66 -8.09 -11.61
CA ASP A 19 2.77 -9.55 -11.81
C ASP A 19 3.85 -10.26 -10.99
N ARG A 20 3.90 -9.91 -9.70
CA ARG A 20 4.50 -10.73 -8.66
C ARG A 20 3.33 -11.26 -7.90
N PRO A 21 3.61 -12.04 -6.84
CA PRO A 21 2.62 -12.59 -5.92
C PRO A 21 2.12 -11.53 -4.92
N LEU A 22 0.82 -11.24 -4.95
CA LEU A 22 0.22 -10.32 -4.01
C LEU A 22 -0.98 -10.97 -3.33
N ARG A 23 -1.41 -10.36 -2.24
CA ARG A 23 -2.58 -10.80 -1.47
C ARG A 23 -3.80 -10.71 -2.37
N PRO A 24 -4.85 -11.47 -2.06
CA PRO A 24 -6.16 -11.29 -2.73
C PRO A 24 -6.66 -9.83 -2.63
N ILE A 25 -7.43 -9.40 -3.62
CA ILE A 25 -7.92 -8.03 -3.60
C ILE A 25 -9.13 -8.02 -2.71
N VAL A 26 -9.71 -9.20 -2.54
CA VAL A 26 -11.01 -9.36 -1.93
C VAL A 26 -11.02 -10.62 -1.03
N VAL A 27 -11.86 -10.61 0.01
CA VAL A 27 -11.70 -11.54 1.11
C VAL A 27 -13.07 -12.00 1.63
N LYS A 28 -13.25 -13.31 1.76
CA LYS A 28 -14.47 -13.90 2.36
C LYS A 28 -14.37 -14.11 3.87
N ASP A 29 -15.52 -14.07 4.54
CA ASP A 29 -15.64 -14.66 5.86
C ASP A 29 -17.00 -15.31 6.13
N SER A 30 -16.96 -16.58 6.56
CA SER A 30 -18.03 -17.18 7.37
C SER A 30 -19.32 -17.32 6.56
N GLU A 31 -19.50 -18.50 5.98
CA GLU A 31 -19.90 -18.63 4.56
C GLU A 31 -19.60 -17.34 3.79
N GLY A 32 -18.31 -17.12 3.53
CA GLY A 32 -17.83 -15.80 3.13
C GLY A 32 -18.91 -14.93 2.51
N THR A 33 -19.51 -14.06 3.29
CA THR A 33 -19.90 -12.76 2.79
C THR A 33 -18.65 -11.94 2.36
N VAL A 34 -18.67 -11.42 1.13
CA VAL A 34 -17.43 -11.04 0.44
C VAL A 34 -17.10 -9.55 0.61
N SER A 35 -15.83 -9.25 0.86
CA SER A 35 -15.46 -7.94 1.39
C SER A 35 -14.16 -7.45 0.76
N PHE A 36 -13.86 -6.17 0.97
CA PHE A 36 -12.61 -5.62 0.47
C PHE A 36 -11.58 -5.52 1.57
N LEU A 37 -12.07 -5.37 2.79
CA LEU A 37 -11.27 -4.76 3.85
C LEU A 37 -10.66 -5.87 4.71
N SER A 38 -9.33 -5.94 4.72
CA SER A 38 -8.59 -7.21 4.76
C SER A 38 -8.13 -7.51 6.17
N ASP A 39 -7.08 -6.82 6.60
CA ASP A 39 -6.19 -7.24 7.72
C ASP A 39 -4.92 -8.05 7.34
N GLY A 58 37.48 -5.55 14.22
CA GLY A 58 38.13 -4.29 14.69
C GLY A 58 37.91 -3.15 13.72
N ASP A 59 38.83 -2.99 12.77
CA ASP A 59 38.73 -1.94 11.74
C ASP A 59 38.28 -2.56 10.41
N GLN A 60 37.53 -3.66 10.49
CA GLN A 60 36.72 -4.12 9.38
C GLN A 60 35.25 -4.22 9.78
N SER A 61 34.97 -5.12 10.73
CA SER A 61 33.89 -4.90 11.69
C SER A 61 33.46 -3.44 11.77
N SER A 62 34.39 -2.55 12.05
CA SER A 62 34.12 -1.12 11.97
C SER A 62 33.52 -0.72 10.62
N ARG A 63 34.16 -1.15 9.54
CA ARG A 63 33.80 -0.67 8.20
C ARG A 63 32.47 -1.23 7.69
N LEU A 64 32.40 -2.55 7.56
CA LEU A 64 31.14 -3.28 7.62
C LEU A 64 29.91 -2.50 8.13
N LEU A 65 29.99 -2.02 9.38
CA LEU A 65 28.97 -1.12 9.91
C LEU A 65 28.74 0.07 8.98
N GLU A 66 29.76 0.89 8.81
CA GLU A 66 29.58 2.08 8.01
C GLU A 66 28.83 1.74 6.74
N LEU A 67 29.01 0.51 6.26
CA LEU A 67 28.33 0.08 5.04
C LEU A 67 26.87 -0.20 5.30
N VAL A 68 26.62 -1.12 6.24
CA VAL A 68 25.26 -1.42 6.65
C VAL A 68 24.41 -0.17 6.95
N LYS A 69 25.05 0.89 7.44
CA LYS A 69 24.31 2.12 7.66
C LYS A 69 23.88 2.62 6.32
N ASP A 70 24.83 2.53 5.39
CA ASP A 70 24.66 3.19 4.10
C ASP A 70 23.55 2.56 3.29
N ILE A 71 23.44 1.24 3.33
CA ILE A 71 22.28 0.63 2.72
C ILE A 71 20.97 0.79 3.49
N SER A 72 21.06 0.93 4.80
CA SER A 72 19.98 0.47 5.67
C SER A 72 18.79 1.37 5.51
N SER A 73 19.12 2.54 4.95
CA SER A 73 18.18 3.61 4.82
C SER A 73 17.44 3.52 3.49
N HIS A 74 17.83 2.61 2.62
CA HIS A 74 17.19 2.46 1.30
C HIS A 74 16.01 1.48 1.32
N LEU A 75 14.80 1.97 1.07
CA LEU A 75 13.74 1.03 0.82
C LEU A 75 13.50 0.78 -0.66
N ASP A 76 14.24 1.47 -1.53
CA ASP A 76 13.95 1.42 -2.96
C ASP A 76 14.85 0.40 -3.71
N VAL A 77 14.28 -0.67 -4.25
CA VAL A 77 15.12 -1.78 -4.70
C VAL A 77 16.15 -1.39 -5.73
N THR A 78 15.70 -0.78 -6.83
CA THR A 78 16.62 -0.15 -7.77
C THR A 78 17.75 0.61 -7.05
N ALA A 79 17.38 1.56 -6.20
CA ALA A 79 18.35 2.39 -5.51
C ALA A 79 19.26 1.49 -4.71
N LEU A 80 18.65 0.56 -3.98
CA LEU A 80 19.37 -0.22 -3.01
C LEU A 80 20.34 -1.16 -3.73
N CYS A 81 19.85 -1.74 -4.83
CA CYS A 81 20.66 -2.58 -5.68
C CYS A 81 21.89 -1.86 -6.18
N HIS A 82 21.73 -0.65 -6.72
CA HIS A 82 22.90 0.08 -7.09
C HIS A 82 23.89 0.18 -5.94
N LYS A 83 23.41 0.51 -4.74
CA LYS A 83 24.34 0.78 -3.66
C LYS A 83 25.07 -0.49 -3.26
N ILE A 84 24.39 -1.64 -3.40
CA ILE A 84 25.04 -2.88 -3.05
C ILE A 84 26.12 -3.19 -4.08
N PHE A 85 25.72 -3.12 -5.34
CA PHE A 85 26.65 -3.40 -6.41
C PHE A 85 27.92 -2.60 -6.18
N LEU A 86 27.73 -1.31 -5.92
CA LEU A 86 28.84 -0.42 -5.65
C LEU A 86 29.64 -0.99 -4.50
N HIS A 87 28.95 -1.50 -3.49
CA HIS A 87 29.68 -1.86 -2.29
C HIS A 87 30.55 -3.07 -2.52
N ILE A 88 30.01 -4.13 -3.13
CA ILE A 88 30.79 -5.37 -3.24
C ILE A 88 32.13 -5.02 -3.86
N HIS A 89 32.16 -3.98 -4.70
CA HIS A 89 33.36 -3.68 -5.45
C HIS A 89 34.58 -3.66 -4.56
N GLY A 90 34.73 -2.62 -3.75
CA GLY A 90 35.83 -2.54 -2.79
C GLY A 90 35.65 -3.47 -1.61
N LEU A 91 34.60 -4.28 -1.63
CA LEU A 91 34.42 -5.29 -0.60
C LEU A 91 35.52 -6.36 -0.64
N ILE A 92 35.72 -6.98 -1.80
CA ILE A 92 36.87 -7.86 -2.00
C ILE A 92 37.38 -7.80 -3.43
N SER A 93 38.67 -8.11 -3.60
CA SER A 93 39.42 -7.76 -4.82
C SER A 93 39.30 -8.75 -6.00
N ALA A 94 38.58 -8.34 -7.04
CA ALA A 94 38.63 -9.08 -8.29
C ALA A 94 38.28 -8.17 -9.48
N ASP A 95 38.07 -8.76 -10.65
CA ASP A 95 38.12 -8.00 -11.89
C ASP A 95 36.73 -7.62 -12.32
N ARG A 96 35.81 -8.57 -12.23
CA ARG A 96 34.46 -8.28 -12.65
C ARG A 96 33.41 -8.74 -11.64
N TYR A 97 32.49 -7.84 -11.31
CA TYR A 97 31.43 -8.17 -10.39
C TYR A 97 30.06 -8.24 -11.05
N SER A 98 29.14 -8.91 -10.41
CA SER A 98 27.83 -9.11 -10.95
C SER A 98 26.86 -9.15 -9.75
N LEU A 99 25.75 -8.42 -9.80
CA LEU A 99 24.65 -8.66 -8.85
C LEU A 99 23.42 -9.28 -9.51
N PHE A 100 22.75 -10.19 -8.82
CA PHE A 100 21.50 -10.70 -9.33
C PHE A 100 20.39 -10.59 -8.30
N LEU A 101 19.21 -10.25 -8.80
CA LEU A 101 18.03 -10.12 -7.99
C LEU A 101 16.99 -11.20 -8.30
N VAL A 102 16.71 -12.08 -7.34
CA VAL A 102 15.59 -13.04 -7.52
C VAL A 102 14.28 -12.32 -7.82
N CYS A 103 13.39 -12.95 -8.58
CA CYS A 103 12.07 -12.38 -8.81
C CYS A 103 11.06 -13.50 -8.79
N GLU A 104 9.79 -13.17 -8.97
CA GLU A 104 8.77 -14.15 -8.81
C GLU A 104 7.52 -13.55 -9.38
N ASP A 105 7.06 -14.14 -10.46
CA ASP A 105 5.83 -13.73 -11.02
C ASP A 105 4.76 -14.28 -10.13
N SER A 106 3.52 -14.11 -10.57
CA SER A 106 2.38 -14.19 -9.68
C SER A 106 1.98 -15.62 -9.61
N SER A 107 2.71 -16.41 -10.40
CA SER A 107 2.46 -17.84 -10.53
C SER A 107 3.59 -18.57 -9.82
N ASN A 108 4.41 -17.78 -9.15
CA ASN A 108 5.34 -18.33 -8.22
C ASN A 108 6.54 -18.90 -8.95
N ASP A 109 6.50 -18.83 -10.29
CA ASP A 109 7.71 -19.10 -11.06
C ASP A 109 8.77 -18.03 -10.81
N LYS A 110 9.99 -18.45 -10.48
CA LYS A 110 11.01 -17.52 -10.02
C LYS A 110 12.05 -17.24 -11.10
N PHE A 111 13.03 -16.40 -10.80
CA PHE A 111 14.13 -16.24 -11.74
C PHE A 111 14.97 -15.05 -11.32
N LEU A 112 16.23 -15.05 -11.72
CA LEU A 112 17.13 -13.97 -11.35
C LEU A 112 17.20 -13.14 -12.60
N ILE A 113 17.46 -11.85 -12.43
CA ILE A 113 17.77 -11.00 -13.56
C ILE A 113 18.91 -10.17 -13.06
N SER A 114 19.69 -9.57 -13.96
CA SER A 114 20.62 -8.54 -13.55
C SER A 114 20.82 -7.57 -14.66
N ARG A 115 20.82 -6.29 -14.32
CA ARG A 115 21.26 -5.24 -15.22
C ARG A 115 22.56 -4.73 -14.70
N LEU A 116 23.04 -5.34 -13.64
CA LEU A 116 24.23 -4.80 -13.05
C LEU A 116 25.35 -5.82 -13.11
N PHE A 117 26.16 -5.64 -14.16
CA PHE A 117 26.95 -6.68 -14.85
C PHE A 117 28.27 -5.99 -15.20
N ASP A 118 29.37 -6.41 -14.61
CA ASP A 118 30.66 -5.95 -15.11
C ASP A 118 30.94 -6.48 -16.52
N VAL A 119 31.28 -5.58 -17.45
CA VAL A 119 31.69 -6.00 -18.78
C VAL A 119 33.09 -5.52 -19.17
N ALA A 120 33.52 -5.91 -20.37
CA ALA A 120 34.47 -5.13 -21.16
C ALA A 120 34.58 -3.69 -20.64
N GLU A 121 35.79 -3.13 -20.70
CA GLU A 121 36.29 -2.25 -19.64
C GLU A 121 36.25 -0.75 -19.98
N GLY A 122 36.42 -0.41 -21.26
CA GLY A 122 36.31 0.98 -21.71
C GLY A 122 35.46 1.18 -22.97
N SER A 123 34.21 0.75 -22.91
CA SER A 123 33.52 0.14 -24.08
C SER A 123 32.01 -0.03 -23.86
N THR A 124 31.23 1.02 -24.14
CA THR A 124 29.79 1.03 -23.80
C THR A 124 28.93 2.02 -24.61
N LEU A 125 27.83 1.51 -25.17
CA LEU A 125 26.63 2.33 -25.44
C LEU A 125 26.21 3.11 -24.19
N GLU A 126 25.46 2.45 -23.30
CA GLU A 126 25.31 2.91 -21.91
C GLU A 126 25.54 1.76 -20.94
N GLU A 127 25.29 2.02 -19.65
CA GLU A 127 25.91 1.26 -18.56
C GLU A 127 25.13 -0.03 -18.20
N VAL A 128 24.21 0.10 -17.25
CA VAL A 128 22.88 -0.47 -17.42
C VAL A 128 22.41 -0.13 -18.83
N SER A 129 22.70 -1.03 -19.77
CA SER A 129 22.85 -0.65 -21.19
C SER A 129 21.55 -0.76 -21.99
N ASN A 130 20.44 -0.37 -21.36
CA ASN A 130 19.12 -0.78 -21.78
C ASN A 130 18.86 -2.28 -21.69
N ASN A 131 19.62 -3.00 -20.86
CA ASN A 131 20.10 -4.33 -21.24
C ASN A 131 20.39 -5.30 -20.11
N CYS A 132 19.71 -6.44 -20.16
CA CYS A 132 19.28 -7.12 -18.95
C CYS A 132 19.35 -8.63 -19.03
N ILE A 133 20.35 -9.20 -18.37
CA ILE A 133 20.50 -10.65 -18.24
C ILE A 133 19.31 -11.27 -17.50
N ARG A 134 18.82 -12.44 -17.92
CA ARG A 134 17.86 -13.16 -17.10
C ARG A 134 18.01 -14.68 -17.12
N LEU A 135 18.45 -15.29 -16.02
CA LEU A 135 18.56 -16.76 -15.88
C LEU A 135 17.30 -17.34 -15.29
N GLU A 136 16.73 -18.40 -15.84
CA GLU A 136 15.66 -19.08 -15.11
C GLU A 136 16.26 -19.86 -13.96
N TRP A 137 15.43 -20.60 -13.24
CA TRP A 137 15.74 -20.97 -11.86
C TRP A 137 16.46 -22.28 -11.89
N ASN A 138 17.66 -22.32 -11.31
CA ASN A 138 18.48 -23.52 -11.32
C ASN A 138 19.35 -23.74 -12.54
N LYS A 139 19.23 -22.88 -13.54
CA LYS A 139 20.10 -22.94 -14.71
C LYS A 139 21.26 -22.03 -14.42
N GLY A 140 22.44 -22.36 -14.92
CA GLY A 140 23.56 -21.43 -14.88
C GLY A 140 24.30 -21.71 -13.61
N ILE A 141 25.55 -21.29 -13.52
CA ILE A 141 26.18 -21.26 -12.20
C ILE A 141 25.26 -20.58 -11.16
N VAL A 142 24.81 -19.35 -11.45
CA VAL A 142 23.97 -18.60 -10.51
C VAL A 142 22.59 -19.17 -10.31
N GLY A 143 21.84 -19.33 -11.37
CA GLY A 143 20.71 -20.25 -11.31
C GLY A 143 20.79 -21.29 -10.20
N HIS A 144 21.95 -21.93 -10.06
CA HIS A 144 22.08 -23.08 -9.18
C HIS A 144 22.40 -22.63 -7.74
N VAL A 145 23.40 -21.78 -7.59
CA VAL A 145 23.58 -21.08 -6.33
C VAL A 145 22.23 -20.68 -5.69
N ALA A 146 21.51 -19.76 -6.31
CA ALA A 146 20.08 -19.65 -6.08
C ALA A 146 19.48 -20.92 -5.50
N ALA A 147 19.33 -21.92 -6.36
CA ALA A 147 18.28 -22.91 -6.13
C ALA A 147 18.69 -23.89 -5.06
N LEU A 148 19.87 -23.71 -4.51
CA LEU A 148 20.41 -24.60 -3.50
C LEU A 148 20.81 -23.72 -2.32
N GLY A 149 21.06 -22.46 -2.65
CA GLY A 149 21.53 -21.47 -1.70
C GLY A 149 22.75 -21.83 -0.91
N GLU A 150 23.74 -22.43 -1.56
CA GLU A 150 25.11 -22.49 -1.04
C GLU A 150 26.11 -21.76 -1.93
N PRO A 151 27.08 -21.10 -1.30
CA PRO A 151 28.09 -20.35 -2.04
C PRO A 151 28.91 -21.27 -2.92
N LEU A 152 29.65 -20.70 -3.87
CA LEU A 152 30.56 -21.48 -4.73
C LEU A 152 31.87 -20.78 -4.97
N ASN A 153 32.96 -21.48 -4.62
CA ASN A 153 34.32 -20.99 -4.81
C ASN A 153 35.04 -21.81 -5.86
N ILE A 154 34.80 -21.52 -7.14
CA ILE A 154 35.51 -22.16 -8.26
C ILE A 154 36.92 -21.62 -8.45
N LYS A 155 37.83 -22.53 -8.81
CA LYS A 155 39.21 -22.13 -9.12
C LYS A 155 39.47 -22.07 -10.63
N ASP A 156 38.77 -22.93 -11.38
CA ASP A 156 38.77 -22.85 -12.83
C ASP A 156 37.38 -23.04 -13.38
N ALA A 157 36.83 -21.94 -13.89
CA ALA A 157 35.44 -21.90 -14.37
C ALA A 157 35.20 -23.03 -15.35
N TYR A 158 36.24 -23.38 -16.08
CA TYR A 158 36.13 -24.30 -17.20
C TYR A 158 35.95 -25.73 -16.70
N GLU A 159 36.44 -25.99 -15.49
CA GLU A 159 36.12 -27.23 -14.78
C GLU A 159 34.63 -27.35 -14.46
N ASP A 160 33.92 -26.22 -14.40
CA ASP A 160 32.51 -26.24 -14.07
C ASP A 160 31.63 -26.60 -15.27
N PRO A 161 30.80 -27.64 -15.12
CA PRO A 161 29.83 -28.12 -16.10
C PRO A 161 28.65 -27.18 -16.31
N ARG A 162 28.66 -26.05 -15.61
CA ARG A 162 27.53 -25.14 -15.68
C ARG A 162 27.97 -23.74 -16.06
N PHE A 163 29.28 -23.46 -15.93
CA PHE A 163 29.92 -22.43 -16.75
C PHE A 163 29.42 -22.50 -18.18
N ASN A 164 28.89 -21.38 -18.68
CA ASN A 164 28.68 -21.22 -20.10
C ASN A 164 29.67 -20.25 -20.77
N ALA A 165 30.52 -20.79 -21.62
CA ALA A 165 31.73 -20.11 -22.04
C ALA A 165 31.49 -19.26 -23.28
N GLU A 166 30.23 -19.22 -23.73
CA GLU A 166 29.85 -18.52 -24.95
C GLU A 166 30.25 -17.05 -24.88
N VAL A 167 30.04 -16.43 -23.74
CA VAL A 167 30.37 -15.02 -23.61
C VAL A 167 31.87 -14.91 -23.60
N ASP A 168 32.50 -15.78 -22.83
CA ASP A 168 33.93 -15.73 -22.63
C ASP A 168 34.61 -15.80 -23.98
N GLN A 169 34.08 -16.69 -24.82
CA GLN A 169 34.62 -16.97 -26.16
C GLN A 169 34.48 -15.74 -27.06
N ILE A 170 33.24 -15.32 -27.29
CA ILE A 170 32.95 -14.19 -28.17
C ILE A 170 33.75 -12.92 -27.88
N THR A 171 34.02 -12.63 -26.61
CA THR A 171 34.67 -11.35 -26.28
C THR A 171 36.14 -11.48 -25.83
N GLY A 172 36.63 -12.72 -25.85
CA GLY A 172 38.02 -12.97 -25.53
C GLY A 172 38.37 -12.38 -24.18
N TYR A 173 37.48 -12.55 -23.22
CA TYR A 173 37.82 -12.45 -21.80
C TYR A 173 38.18 -13.86 -21.32
N LYS A 174 39.14 -13.97 -20.40
CA LYS A 174 39.43 -15.26 -19.82
C LYS A 174 38.94 -15.40 -18.37
N THR A 175 37.76 -16.00 -18.23
CA THR A 175 37.15 -16.24 -16.93
C THR A 175 37.92 -17.32 -16.18
N GLN A 176 38.71 -16.92 -15.20
CA GLN A 176 39.47 -17.87 -14.41
C GLN A 176 38.68 -18.41 -13.22
N SER A 177 38.57 -17.57 -12.18
CA SER A 177 38.04 -17.93 -10.86
C SER A 177 36.71 -17.22 -10.60
N ILE A 178 35.83 -17.89 -9.87
CA ILE A 178 34.48 -17.39 -9.63
C ILE A 178 34.01 -17.50 -8.17
N LEU A 179 33.68 -16.37 -7.55
CA LEU A 179 32.98 -16.35 -6.26
C LEU A 179 31.50 -16.02 -6.39
N CYS A 180 30.63 -16.99 -6.11
CA CYS A 180 29.23 -16.82 -6.40
C CYS A 180 28.44 -17.25 -5.21
N MET A 181 28.02 -16.28 -4.39
CA MET A 181 27.38 -16.51 -3.10
C MET A 181 25.94 -16.05 -3.13
N PRO A 182 25.03 -16.84 -2.53
CA PRO A 182 23.64 -16.43 -2.35
C PRO A 182 23.53 -15.32 -1.32
N ILE A 183 22.48 -14.53 -1.45
CA ILE A 183 22.12 -13.47 -0.52
C ILE A 183 20.74 -13.80 0.03
N LYS A 184 20.63 -13.96 1.35
CA LYS A 184 19.35 -14.39 1.91
C LYS A 184 18.75 -13.45 2.94
N ASN A 185 17.43 -13.42 3.01
CA ASN A 185 16.76 -12.72 4.07
C ASN A 185 16.75 -13.58 5.33
N HIS A 186 16.30 -12.99 6.43
CA HIS A 186 16.54 -13.54 7.77
C HIS A 186 16.04 -14.97 7.86
N ARG A 187 15.04 -15.33 7.07
CA ARG A 187 14.46 -16.64 7.13
C ARG A 187 15.24 -17.59 6.25
N GLU A 188 16.30 -17.06 5.63
CA GLU A 188 17.26 -17.88 4.88
C GLU A 188 16.83 -18.18 3.44
N GLU A 189 15.60 -17.81 3.07
CA GLU A 189 15.23 -17.43 1.72
C GLU A 189 16.30 -16.73 0.89
N VAL A 190 16.46 -17.16 -0.37
CA VAL A 190 17.48 -16.56 -1.22
C VAL A 190 16.83 -15.44 -2.02
N VAL A 191 17.34 -14.22 -1.88
CA VAL A 191 16.70 -13.11 -2.59
C VAL A 191 17.53 -12.57 -3.76
N GLY A 192 18.77 -13.03 -3.83
CA GLY A 192 19.82 -12.36 -4.57
C GLY A 192 21.02 -13.28 -4.68
N VAL A 193 21.77 -13.14 -5.78
CA VAL A 193 23.10 -13.74 -5.86
C VAL A 193 24.08 -12.70 -6.31
N ALA A 194 25.30 -12.78 -5.78
CA ALA A 194 26.30 -11.83 -6.14
C ALA A 194 27.60 -12.59 -6.30
N GLN A 195 28.32 -12.31 -7.39
CA GLN A 195 29.58 -13.00 -7.60
C GLN A 195 30.73 -12.12 -8.09
N ALA A 196 31.95 -12.59 -7.81
CA ALA A 196 33.13 -11.87 -8.22
C ALA A 196 33.92 -12.76 -9.15
N ILE A 197 34.40 -12.22 -10.26
CA ILE A 197 35.14 -13.00 -11.24
C ILE A 197 36.63 -12.63 -11.33
N ASN A 198 37.50 -13.64 -11.27
CA ASN A 198 38.95 -13.43 -11.50
C ASN A 198 39.60 -12.52 -10.48
N LYS A 199 39.92 -13.10 -9.32
CA LYS A 199 40.57 -12.35 -8.27
C LYS A 199 41.78 -11.62 -8.87
N LYS A 200 41.75 -10.30 -8.83
CA LYS A 200 42.96 -9.51 -8.91
C LYS A 200 44.04 -10.08 -7.96
N SER A 201 45.31 -9.92 -8.34
CA SER A 201 46.39 -10.83 -7.98
C SER A 201 47.63 -10.59 -8.85
N GLY A 202 48.79 -10.50 -8.22
CA GLY A 202 50.07 -10.73 -8.92
C GLY A 202 50.78 -12.00 -8.50
N ASN A 203 50.04 -12.94 -7.91
CA ASN A 203 50.47 -14.33 -7.82
C ASN A 203 49.50 -15.35 -8.45
N GLY A 204 48.87 -14.95 -9.55
CA GLY A 204 47.95 -15.82 -10.31
C GLY A 204 47.06 -16.68 -9.44
N GLY A 205 46.13 -16.05 -8.72
CA GLY A 205 45.64 -16.56 -7.43
C GLY A 205 44.20 -17.05 -7.43
N THR A 206 43.69 -17.37 -6.23
CA THR A 206 42.31 -17.80 -6.08
C THR A 206 41.52 -16.93 -5.08
N PHE A 207 40.29 -17.33 -4.75
CA PHE A 207 39.49 -16.64 -3.74
C PHE A 207 39.64 -17.30 -2.37
N THR A 208 40.04 -16.51 -1.37
CA THR A 208 40.36 -17.00 -0.02
C THR A 208 39.17 -17.60 0.72
N GLU A 209 39.47 -18.50 1.65
CA GLU A 209 38.53 -18.77 2.74
C GLU A 209 38.09 -17.48 3.42
N LYS A 210 39.05 -16.67 3.85
CA LYS A 210 38.73 -15.34 4.35
C LYS A 210 37.83 -14.61 3.35
N ASP A 211 38.13 -14.78 2.06
CA ASP A 211 37.54 -13.93 1.03
C ASP A 211 36.04 -14.15 0.92
N GLU A 212 35.64 -15.41 0.89
CA GLU A 212 34.27 -15.80 1.21
C GLU A 212 33.68 -14.98 2.34
N LYS A 213 34.26 -15.12 3.54
CA LYS A 213 33.70 -14.56 4.78
C LYS A 213 33.30 -13.09 4.68
N ASP A 214 34.28 -12.20 4.60
CA ASP A 214 34.01 -10.81 4.27
C ASP A 214 32.88 -10.61 3.25
N PHE A 215 32.91 -11.33 2.15
CA PHE A 215 31.90 -11.14 1.11
C PHE A 215 30.56 -11.63 1.65
N ALA A 216 30.59 -12.73 2.40
CA ALA A 216 29.35 -13.38 2.75
C ALA A 216 28.70 -12.72 3.96
N ALA A 217 29.53 -12.12 4.82
CA ALA A 217 29.06 -11.27 5.92
C ALA A 217 28.25 -10.14 5.35
N TYR A 218 28.93 -9.18 4.73
CA TYR A 218 28.23 -8.11 4.04
C TYR A 218 26.98 -8.50 3.24
N LEU A 219 27.00 -9.61 2.51
CA LEU A 219 25.76 -10.05 1.89
C LEU A 219 24.63 -10.34 2.90
N ALA A 220 24.92 -11.00 4.02
CA ALA A 220 23.85 -11.38 4.95
C ALA A 220 23.02 -10.16 5.39
N PHE A 221 23.68 -9.01 5.55
CA PHE A 221 22.97 -7.77 5.76
C PHE A 221 22.09 -7.44 4.56
N CYS A 222 22.69 -7.30 3.38
CA CYS A 222 21.92 -7.09 2.15
C CYS A 222 20.63 -7.89 2.08
N GLY A 223 20.70 -9.19 2.35
CA GLY A 223 19.57 -10.07 2.09
C GLY A 223 18.39 -9.59 2.90
N ILE A 224 18.69 -9.04 4.06
CA ILE A 224 17.70 -8.51 4.96
C ILE A 224 17.17 -7.18 4.42
N VAL A 225 18.02 -6.16 4.38
CA VAL A 225 17.62 -4.88 3.83
C VAL A 225 16.87 -5.00 2.52
N LEU A 226 17.37 -5.85 1.64
CA LEU A 226 16.77 -6.04 0.34
C LEU A 226 15.37 -6.57 0.49
N HIS A 227 15.22 -7.57 1.34
CA HIS A 227 13.92 -8.19 1.53
C HIS A 227 12.89 -7.18 2.06
N ASN A 228 13.36 -6.19 2.84
CA ASN A 228 12.44 -5.18 3.36
C ASN A 228 11.99 -4.34 2.19
N ALA A 229 12.96 -4.07 1.33
CA ALA A 229 12.73 -3.35 0.09
C ALA A 229 11.67 -4.03 -0.81
N GLN A 230 11.73 -5.35 -0.91
CA GLN A 230 10.76 -6.01 -1.73
C GLN A 230 9.36 -5.90 -1.12
N LEU A 231 9.28 -6.06 0.21
CA LEU A 231 7.99 -6.12 0.87
C LEU A 231 7.34 -4.74 0.84
N TYR A 232 8.16 -3.69 0.89
CA TYR A 232 7.64 -2.34 0.81
C TYR A 232 7.12 -2.05 -0.58
N GLU A 233 7.83 -2.54 -1.60
CA GLU A 233 7.41 -2.33 -2.98
C GLU A 233 6.26 -3.22 -3.35
N THR A 234 6.08 -4.30 -2.62
CA THR A 234 4.84 -5.00 -2.81
C THR A 234 3.63 -4.20 -2.36
N SER A 235 3.78 -3.44 -1.27
CA SER A 235 2.62 -2.71 -0.76
C SER A 235 2.32 -1.51 -1.62
N LEU A 236 3.35 -0.74 -1.97
CA LEU A 236 3.19 0.28 -2.98
C LEU A 236 2.40 -0.25 -4.18
N LEU A 237 2.73 -1.46 -4.67
CA LEU A 237 1.96 -2.02 -5.79
C LEU A 237 0.56 -2.35 -5.36
N GLU A 238 0.47 -3.02 -4.20
CA GLU A 238 -0.82 -3.51 -3.72
C GLU A 238 -1.80 -2.32 -3.64
N ASN A 239 -1.23 -1.17 -3.30
CA ASN A 239 -1.94 0.09 -3.40
C ASN A 239 -2.40 0.49 -4.80
N LYS A 240 -1.41 0.80 -5.62
CA LYS A 240 -1.63 1.16 -7.01
C LYS A 240 -2.71 0.29 -7.62
N ARG A 241 -2.66 -1.00 -7.38
CA ARG A 241 -3.68 -1.81 -7.95
C ARG A 241 -5.06 -1.36 -7.49
N ASN A 242 -5.19 -1.04 -6.21
CA ASN A 242 -6.49 -0.63 -5.69
C ASN A 242 -6.94 0.77 -6.17
N GLN A 243 -5.98 1.67 -6.30
CA GLN A 243 -6.24 2.95 -6.94
C GLN A 243 -6.80 2.75 -8.34
N VAL A 244 -6.13 1.95 -9.17
CA VAL A 244 -6.74 1.58 -10.44
C VAL A 244 -8.19 1.13 -10.20
N LEU A 245 -8.38 0.19 -9.29
CA LEU A 245 -9.69 -0.42 -9.18
C LEU A 245 -10.68 0.67 -8.86
N LEU A 246 -10.28 1.61 -8.01
CA LEU A 246 -11.20 2.69 -7.62
C LEU A 246 -11.55 3.59 -8.81
N ASP A 247 -10.55 3.90 -9.62
CA ASP A 247 -10.78 4.73 -10.78
C ASP A 247 -11.77 4.04 -11.68
N LEU A 248 -11.58 2.74 -11.91
CA LEU A 248 -12.48 2.03 -12.82
C LEU A 248 -13.84 2.01 -12.17
N ALA A 249 -13.84 1.97 -10.85
CA ALA A 249 -15.09 1.99 -10.13
C ALA A 249 -15.91 3.24 -10.51
N SER A 250 -15.36 4.42 -10.24
CA SER A 250 -15.92 5.69 -10.73
C SER A 250 -16.27 5.73 -12.20
N LEU A 251 -15.35 5.33 -13.07
CA LEU A 251 -15.64 5.29 -14.49
C LEU A 251 -16.98 4.66 -14.80
N ILE A 252 -17.08 3.34 -14.62
CA ILE A 252 -18.29 2.63 -15.05
C ILE A 252 -19.51 3.19 -14.35
N PHE A 253 -19.33 3.69 -13.15
CA PHE A 253 -20.47 4.13 -12.39
C PHE A 253 -21.06 5.47 -12.86
N GLU A 254 -20.39 6.15 -13.77
CA GLU A 254 -20.81 7.50 -14.09
C GLU A 254 -22.20 7.48 -14.70
N GLU A 255 -22.43 6.56 -15.62
CA GLU A 255 -23.61 6.64 -16.48
C GLU A 255 -24.39 5.31 -16.66
N GLN A 256 -25.13 4.97 -15.61
CA GLN A 256 -25.79 3.67 -15.51
C GLN A 256 -27.17 3.71 -16.14
N GLN A 257 -27.28 4.25 -17.36
CA GLN A 257 -28.59 4.47 -17.99
C GLN A 257 -28.79 3.74 -19.31
N SER A 258 -27.70 3.30 -19.92
CA SER A 258 -27.77 2.50 -21.14
C SER A 258 -26.80 1.33 -21.12
N LEU A 259 -27.32 0.13 -20.87
CA LEU A 259 -26.60 -1.11 -21.14
C LEU A 259 -25.47 -0.96 -22.18
N GLU A 260 -25.82 -0.71 -23.43
CA GLU A 260 -24.77 -0.53 -24.42
C GLU A 260 -23.70 0.45 -23.93
N VAL A 261 -24.09 1.67 -23.56
CA VAL A 261 -23.13 2.62 -22.97
C VAL A 261 -22.11 1.95 -22.01
N ILE A 262 -22.62 1.32 -20.94
CA ILE A 262 -21.81 0.87 -19.81
C ILE A 262 -20.91 -0.34 -20.15
N LEU A 263 -21.45 -1.32 -20.86
CA LEU A 263 -20.64 -2.45 -21.32
C LEU A 263 -19.42 -1.98 -22.11
N LYS A 264 -19.59 -0.95 -22.92
CA LYS A 264 -18.46 -0.43 -23.70
C LYS A 264 -17.28 -0.06 -22.79
N LYS A 265 -17.60 0.46 -21.61
CA LYS A 265 -16.58 1.04 -20.76
C LYS A 265 -15.94 -0.10 -19.97
N ILE A 266 -16.77 -1.06 -19.59
CA ILE A 266 -16.26 -2.27 -19.01
C ILE A 266 -15.37 -2.95 -20.02
N ALA A 267 -15.87 -3.11 -21.24
CA ALA A 267 -15.11 -3.83 -22.27
C ALA A 267 -13.80 -3.13 -22.62
N ALA A 268 -13.90 -1.83 -22.88
CA ALA A 268 -12.78 -1.02 -23.31
C ALA A 268 -11.75 -1.06 -22.21
N THR A 269 -12.24 -0.91 -20.99
CA THR A 269 -11.40 -0.64 -19.83
C THR A 269 -10.57 -1.86 -19.51
N ILE A 270 -11.18 -3.03 -19.70
CA ILE A 270 -10.57 -4.31 -19.41
C ILE A 270 -9.55 -4.59 -20.50
N ILE A 271 -10.04 -4.76 -21.73
CA ILE A 271 -9.14 -5.15 -22.81
C ILE A 271 -7.85 -4.38 -22.60
N SER A 272 -8.02 -3.14 -22.18
CA SER A 272 -6.93 -2.21 -22.01
C SER A 272 -6.00 -2.69 -20.90
N PHE A 273 -6.56 -2.81 -19.69
CA PHE A 273 -5.75 -3.04 -18.51
C PHE A 273 -5.25 -4.46 -18.49
N MET A 274 -6.08 -5.39 -18.93
CA MET A 274 -5.77 -6.81 -18.90
C MET A 274 -4.82 -7.26 -20.01
N GLN A 275 -4.47 -6.34 -20.91
CA GLN A 275 -3.93 -6.68 -22.23
C GLN A 275 -4.44 -7.99 -22.82
N VAL A 276 -5.73 -8.07 -23.12
CA VAL A 276 -6.26 -9.20 -23.88
C VAL A 276 -6.72 -8.80 -25.28
N GLN A 277 -7.31 -9.77 -25.99
CA GLN A 277 -7.59 -9.67 -27.42
C GLN A 277 -9.07 -9.52 -27.68
N LYS A 278 -9.90 -10.26 -26.97
CA LYS A 278 -11.35 -10.03 -26.98
C LYS A 278 -11.93 -9.99 -25.58
N CYS A 279 -13.02 -9.25 -25.41
CA CYS A 279 -13.85 -9.37 -24.24
C CYS A 279 -15.30 -9.42 -24.65
N THR A 280 -16.11 -10.20 -23.95
CA THR A 280 -17.42 -10.53 -24.45
C THR A 280 -18.33 -10.70 -23.26
N ILE A 281 -19.27 -9.80 -23.09
CA ILE A 281 -20.15 -9.86 -21.93
C ILE A 281 -21.47 -10.50 -22.27
N PHE A 282 -21.90 -11.47 -21.48
CA PHE A 282 -23.19 -12.07 -21.70
C PHE A 282 -24.12 -11.71 -20.57
N ILE A 283 -25.33 -11.25 -20.90
CA ILE A 283 -26.33 -10.94 -19.87
C ILE A 283 -27.41 -12.00 -19.80
N VAL A 284 -27.28 -12.87 -18.81
CA VAL A 284 -28.39 -13.67 -18.32
C VAL A 284 -29.63 -12.82 -18.44
N ASP A 285 -30.67 -13.42 -19.01
CA ASP A 285 -31.94 -12.75 -19.26
C ASP A 285 -32.76 -12.68 -17.97
N GLU A 286 -33.42 -11.54 -17.74
CA GLU A 286 -33.97 -11.24 -16.42
C GLU A 286 -35.24 -12.04 -16.11
N ASP A 287 -35.96 -12.39 -17.19
CA ASP A 287 -37.18 -13.17 -17.06
C ASP A 287 -36.90 -14.67 -17.21
N CYS A 288 -36.51 -15.09 -18.42
CA CYS A 288 -36.01 -16.44 -18.65
C CYS A 288 -34.66 -16.67 -17.98
N SER A 289 -34.69 -17.10 -16.73
CA SER A 289 -33.48 -17.11 -15.91
C SER A 289 -32.42 -18.08 -16.45
N ASP A 290 -32.76 -18.81 -17.51
CA ASP A 290 -31.77 -19.58 -18.25
C ASP A 290 -30.89 -18.67 -19.11
N SER A 291 -31.37 -18.32 -20.30
CA SER A 291 -30.48 -17.97 -21.42
C SER A 291 -30.28 -16.46 -21.59
N PHE A 292 -29.58 -16.07 -22.64
CA PHE A 292 -28.89 -14.79 -22.67
C PHE A 292 -29.59 -13.78 -23.59
N SER A 293 -30.08 -12.68 -23.01
CA SER A 293 -30.83 -11.66 -23.77
C SER A 293 -29.96 -10.78 -24.65
N SER A 294 -28.88 -10.25 -24.06
CA SER A 294 -27.92 -9.40 -24.78
C SER A 294 -26.52 -10.00 -24.77
N VAL A 295 -25.67 -9.52 -25.68
CA VAL A 295 -24.27 -9.93 -25.75
C VAL A 295 -23.43 -8.82 -26.39
N PHE A 296 -22.29 -8.51 -25.79
CA PHE A 296 -21.45 -7.38 -26.24
C PHE A 296 -19.99 -7.79 -26.46
N HIS A 297 -19.47 -7.64 -27.67
CA HIS A 297 -18.12 -8.07 -28.00
C HIS A 297 -17.15 -6.90 -28.19
N MET A 298 -15.86 -7.16 -28.32
CA MET A 298 -14.92 -6.08 -28.56
C MET A 298 -13.55 -6.64 -28.90
N GLU A 299 -13.07 -6.37 -30.12
CA GLU A 299 -11.71 -6.72 -30.47
C GLU A 299 -10.85 -5.58 -30.00
N CYS A 300 -9.54 -5.77 -30.00
CA CYS A 300 -8.68 -4.96 -29.16
C CYS A 300 -7.95 -3.92 -29.98
N GLU A 301 -8.24 -3.90 -31.28
CA GLU A 301 -8.19 -2.67 -32.06
C GLU A 301 -9.60 -2.09 -32.21
N GLU A 302 -9.84 -0.94 -31.59
CA GLU A 302 -11.14 -0.63 -30.99
C GLU A 302 -12.29 -0.54 -32.01
N LEU A 303 -13.10 -1.61 -32.12
CA LEU A 303 -14.51 -1.50 -32.52
C LEU A 303 -15.42 -2.52 -31.78
N GLU A 304 -16.72 -2.21 -31.71
CA GLU A 304 -17.47 -2.25 -30.45
C GLU A 304 -19.01 -2.49 -30.58
N LYS A 305 -19.41 -3.61 -31.16
CA LYS A 305 -20.82 -3.84 -31.52
C LYS A 305 -21.49 -5.01 -30.78
N SER A 306 -22.61 -5.50 -31.33
CA SER A 306 -23.56 -6.33 -30.57
C SER A 306 -23.58 -7.79 -31.03
N ILE A 319 -22.46 -15.99 -30.26
CA ILE A 319 -22.05 -17.06 -31.22
C ILE A 319 -20.75 -17.75 -30.75
N ASN A 320 -20.73 -18.18 -29.48
CA ASN A 320 -20.15 -19.47 -29.08
C ASN A 320 -20.40 -19.87 -27.63
N TYR A 321 -21.65 -19.71 -27.23
CA TYR A 321 -22.09 -19.60 -25.84
C TYR A 321 -21.62 -20.67 -24.84
N MET A 322 -20.75 -21.60 -25.24
CA MET A 322 -20.53 -22.79 -24.42
C MET A 322 -19.94 -22.49 -23.03
N TYR A 323 -18.95 -21.60 -23.01
CA TYR A 323 -18.26 -21.25 -21.77
C TYR A 323 -19.13 -20.38 -20.89
N ALA A 324 -19.79 -19.42 -21.52
CA ALA A 324 -20.78 -18.60 -20.82
C ALA A 324 -21.78 -19.47 -20.05
N GLN A 325 -22.26 -20.53 -20.70
CA GLN A 325 -23.35 -21.34 -20.15
C GLN A 325 -22.82 -22.26 -19.05
N TYR A 326 -21.62 -22.79 -19.28
CA TYR A 326 -20.86 -23.45 -18.23
C TYR A 326 -20.82 -22.62 -16.96
N VAL A 327 -20.23 -21.43 -17.12
CA VAL A 327 -19.82 -20.61 -15.99
C VAL A 327 -21.03 -20.03 -15.28
N LYS A 328 -22.13 -19.87 -16.00
CA LYS A 328 -23.42 -19.58 -15.37
C LYS A 328 -23.93 -20.77 -14.58
N ASN A 329 -23.99 -21.93 -15.22
CA ASN A 329 -24.51 -23.12 -14.57
C ASN A 329 -23.59 -23.67 -13.48
N THR A 330 -22.30 -23.43 -13.66
CA THR A 330 -21.31 -23.78 -12.66
C THR A 330 -21.12 -22.71 -11.58
N MET A 331 -21.24 -21.44 -11.98
CA MET A 331 -21.27 -20.32 -11.02
C MET A 331 -19.88 -20.00 -10.47
N GLU A 332 -18.86 -20.57 -11.08
CA GLU A 332 -17.48 -20.31 -10.70
C GLU A 332 -16.67 -19.99 -11.93
N PRO A 333 -15.52 -19.33 -11.75
CA PRO A 333 -14.72 -18.84 -12.87
C PRO A 333 -14.16 -19.96 -13.69
N LEU A 334 -13.69 -19.64 -14.88
CA LEU A 334 -13.10 -20.63 -15.74
C LEU A 334 -11.76 -20.12 -16.25
N ASN A 335 -10.68 -20.79 -15.85
CA ASN A 335 -9.37 -20.47 -16.40
C ASN A 335 -8.79 -21.64 -17.20
N ILE A 336 -8.53 -21.40 -18.48
CA ILE A 336 -7.99 -22.43 -19.36
C ILE A 336 -6.74 -21.93 -20.08
N PRO A 337 -5.57 -22.50 -19.74
CA PRO A 337 -4.32 -22.02 -20.37
C PRO A 337 -4.37 -22.11 -21.88
N ASP A 338 -5.14 -23.06 -22.39
CA ASP A 338 -5.44 -23.12 -23.83
C ASP A 338 -6.41 -24.26 -24.12
N VAL A 339 -7.34 -24.02 -25.05
CA VAL A 339 -8.53 -24.87 -25.21
C VAL A 339 -8.28 -26.07 -26.13
N SER A 340 -7.32 -25.92 -27.04
CA SER A 340 -6.78 -27.05 -27.78
C SER A 340 -6.00 -28.03 -26.89
N LYS A 341 -6.37 -28.07 -25.60
CA LYS A 341 -5.79 -29.02 -24.65
C LYS A 341 -6.66 -29.24 -23.42
N ASP A 342 -7.93 -28.82 -23.50
CA ASP A 342 -8.84 -28.97 -22.37
C ASP A 342 -9.97 -29.96 -22.66
N LYS A 343 -10.01 -31.01 -21.87
CA LYS A 343 -10.86 -32.17 -22.18
C LYS A 343 -12.32 -31.95 -21.77
N ARG A 344 -12.75 -30.69 -21.76
CA ARG A 344 -14.01 -30.37 -21.14
C ARG A 344 -14.96 -29.87 -22.21
N PHE A 345 -14.40 -29.48 -23.35
CA PHE A 345 -15.10 -28.63 -24.30
C PHE A 345 -14.70 -28.98 -25.73
N PRO A 346 -15.59 -29.69 -26.45
CA PRO A 346 -15.24 -30.12 -27.81
C PRO A 346 -14.50 -29.03 -28.58
N TRP A 347 -13.25 -29.28 -28.97
CA TRP A 347 -12.41 -28.22 -29.52
C TRP A 347 -13.09 -27.47 -30.68
N GLN A 358 -5.87 -14.05 -33.56
CA GLN A 358 -6.50 -14.84 -34.66
C GLN A 358 -7.65 -15.74 -34.15
N CYS A 359 -7.40 -16.47 -33.06
CA CYS A 359 -8.13 -17.71 -32.74
C CYS A 359 -7.80 -18.19 -31.33
N ILE A 360 -8.70 -18.99 -30.76
CA ILE A 360 -9.02 -18.87 -29.34
C ILE A 360 -8.16 -19.74 -28.44
N ARG A 361 -6.97 -19.26 -28.08
CA ARG A 361 -6.02 -20.02 -27.25
C ARG A 361 -6.31 -20.04 -25.74
N SER A 362 -6.22 -18.90 -25.07
CA SER A 362 -6.30 -18.87 -23.61
C SER A 362 -7.52 -18.12 -23.11
N LEU A 363 -8.21 -18.70 -22.15
CA LEU A 363 -9.53 -18.21 -21.76
C LEU A 363 -9.66 -18.04 -20.24
N LEU A 364 -10.11 -16.85 -19.83
CA LEU A 364 -10.38 -16.59 -18.44
C LEU A 364 -11.74 -15.93 -18.35
N CYS A 365 -12.73 -16.64 -17.86
CA CYS A 365 -14.09 -16.24 -18.14
C CYS A 365 -14.94 -16.24 -16.88
N THR A 366 -15.19 -15.08 -16.29
CA THR A 366 -15.79 -15.01 -14.95
C THR A 366 -17.29 -14.77 -14.96
N PRO A 367 -17.91 -14.90 -13.79
CA PRO A 367 -19.32 -14.58 -13.82
C PRO A 367 -19.65 -13.35 -12.96
N ILE A 368 -20.52 -12.50 -13.49
CA ILE A 368 -21.03 -11.34 -12.75
C ILE A 368 -22.25 -11.72 -11.91
N LYS A 369 -22.13 -11.67 -10.58
CA LYS A 369 -23.28 -11.85 -9.69
C LYS A 369 -23.83 -10.48 -9.38
N ASN A 370 -24.99 -10.42 -8.77
CA ASN A 370 -25.56 -9.14 -8.36
C ASN A 370 -25.19 -8.74 -6.92
N GLY A 371 -26.15 -8.16 -6.19
CA GLY A 371 -25.84 -7.39 -4.98
C GLY A 371 -25.52 -8.26 -3.77
N LYS A 372 -26.48 -8.36 -2.84
CA LYS A 372 -27.03 -9.63 -2.40
C LYS A 372 -26.76 -10.75 -3.41
N LYS A 373 -25.93 -11.71 -3.02
CA LYS A 373 -24.85 -12.21 -3.88
C LYS A 373 -25.08 -13.62 -4.44
N ASN A 374 -26.18 -13.80 -5.17
CA ASN A 374 -26.66 -15.13 -5.53
C ASN A 374 -26.92 -15.31 -7.02
N LYS A 375 -27.81 -14.51 -7.58
CA LYS A 375 -28.10 -14.66 -9.00
C LYS A 375 -26.88 -14.20 -9.78
N VAL A 376 -26.39 -15.09 -10.64
CA VAL A 376 -25.51 -14.67 -11.71
C VAL A 376 -26.37 -13.93 -12.73
N ILE A 377 -26.01 -12.65 -12.98
CA ILE A 377 -26.77 -11.77 -13.88
C ILE A 377 -26.08 -11.54 -15.21
N GLY A 378 -24.78 -11.79 -15.26
CA GLY A 378 -24.10 -11.90 -16.54
C GLY A 378 -22.75 -12.61 -16.45
N VAL A 379 -22.08 -12.71 -17.59
CA VAL A 379 -20.82 -13.39 -17.62
C VAL A 379 -19.84 -12.57 -18.42
N CYS A 380 -18.56 -12.77 -18.17
CA CYS A 380 -17.53 -11.96 -18.77
C CYS A 380 -16.43 -12.86 -19.30
N GLN A 381 -16.17 -12.79 -20.59
CA GLN A 381 -15.28 -13.74 -21.21
C GLN A 381 -14.11 -13.01 -21.83
N LEU A 382 -12.98 -13.04 -21.13
CA LEU A 382 -11.72 -12.53 -21.67
C LEU A 382 -11.12 -13.60 -22.54
N VAL A 383 -10.44 -13.20 -23.62
CA VAL A 383 -9.77 -14.16 -24.50
C VAL A 383 -8.41 -13.66 -24.94
N ASN A 384 -7.39 -14.42 -24.58
CA ASN A 384 -6.04 -14.28 -25.11
C ASN A 384 -5.24 -13.13 -24.55
N LYS A 385 -4.90 -13.23 -23.27
CA LYS A 385 -3.87 -12.36 -22.73
C LYS A 385 -2.63 -12.39 -23.64
N MET A 386 -2.02 -11.24 -23.85
CA MET A 386 -0.83 -11.18 -24.67
C MET A 386 0.37 -10.66 -23.89
N GLU A 387 1.43 -11.46 -23.81
CA GLU A 387 2.73 -10.95 -23.38
C GLU A 387 2.96 -9.53 -23.87
N GLU A 388 3.61 -8.71 -23.05
CA GLU A 388 3.43 -7.27 -23.17
C GLU A 388 3.71 -6.81 -24.60
N ASN A 389 4.97 -6.87 -25.01
CA ASN A 389 5.37 -6.15 -26.22
C ASN A 389 5.67 -7.03 -27.41
N THR A 390 6.08 -8.27 -27.15
CA THR A 390 5.78 -9.40 -28.02
C THR A 390 4.44 -9.32 -28.73
N GLY A 391 3.37 -9.69 -28.04
CA GLY A 391 2.11 -10.04 -28.67
C GLY A 391 1.94 -11.55 -28.70
N LYS A 392 3.01 -12.28 -28.39
CA LYS A 392 2.88 -13.66 -27.97
C LYS A 392 1.56 -13.82 -27.19
N VAL A 393 1.15 -15.04 -26.87
CA VAL A 393 -0.10 -15.23 -26.12
C VAL A 393 0.03 -16.16 -24.91
N LYS A 394 0.16 -15.57 -23.72
CA LYS A 394 0.20 -16.36 -22.48
C LYS A 394 -1.18 -16.70 -21.92
N PRO A 395 -1.22 -17.60 -20.94
CA PRO A 395 -2.43 -17.87 -20.18
C PRO A 395 -2.62 -16.90 -19.02
N PHE A 396 -3.86 -16.63 -18.66
CA PHE A 396 -4.13 -15.78 -17.53
C PHE A 396 -3.60 -16.44 -16.25
N ASN A 397 -2.82 -15.67 -15.48
CA ASN A 397 -2.33 -16.11 -14.18
C ASN A 397 -3.12 -15.47 -13.05
N ARG A 398 -2.63 -15.59 -11.82
CA ARG A 398 -3.49 -15.39 -10.64
C ARG A 398 -3.90 -13.93 -10.50
N ASN A 399 -2.91 -13.04 -10.57
CA ASN A 399 -3.16 -11.64 -10.89
C ASN A 399 -4.45 -11.40 -11.67
N ASP A 400 -4.50 -11.90 -12.90
CA ASP A 400 -5.55 -11.54 -13.83
C ASP A 400 -6.86 -12.09 -13.33
N GLU A 401 -6.81 -13.30 -12.78
CA GLU A 401 -7.93 -13.92 -12.10
C GLU A 401 -8.44 -13.04 -10.95
N GLN A 402 -7.49 -12.36 -10.31
CA GLN A 402 -7.67 -11.80 -8.99
C GLN A 402 -8.22 -10.38 -9.15
N PHE A 403 -7.66 -9.63 -10.09
CA PHE A 403 -8.21 -8.34 -10.51
C PHE A 403 -9.64 -8.45 -11.03
N LEU A 404 -9.84 -9.32 -12.03
CA LEU A 404 -11.15 -9.54 -12.59
C LEU A 404 -12.19 -9.79 -11.52
N GLU A 405 -11.90 -10.73 -10.63
CA GLU A 405 -12.81 -11.08 -9.57
C GLU A 405 -13.33 -9.83 -8.87
N ALA A 406 -12.40 -8.94 -8.49
CA ALA A 406 -12.76 -7.70 -7.81
C ALA A 406 -13.51 -6.79 -8.75
N PHE A 407 -13.00 -6.60 -9.96
CA PHE A 407 -13.65 -5.76 -10.95
C PHE A 407 -15.13 -6.07 -11.17
N VAL A 408 -15.46 -7.31 -11.51
CA VAL A 408 -16.87 -7.65 -11.76
C VAL A 408 -17.80 -7.52 -10.57
N ILE A 409 -17.29 -7.27 -9.38
CA ILE A 409 -18.20 -6.93 -8.29
C ILE A 409 -18.91 -5.62 -8.62
N PHE A 410 -18.14 -4.62 -9.02
CA PHE A 410 -18.73 -3.39 -9.53
C PHE A 410 -19.38 -3.53 -10.91
N CYS A 411 -18.73 -4.21 -11.83
CA CYS A 411 -19.46 -4.60 -13.02
C CYS A 411 -20.87 -5.08 -12.66
N GLY A 412 -20.97 -5.93 -11.64
CA GLY A 412 -22.27 -6.41 -11.22
C GLY A 412 -23.14 -5.25 -10.85
N LEU A 413 -22.84 -4.64 -9.71
CA LEU A 413 -23.61 -3.50 -9.22
C LEU A 413 -24.09 -2.63 -10.37
N GLY A 414 -23.19 -2.28 -11.28
CA GLY A 414 -23.52 -1.29 -12.29
C GLY A 414 -24.50 -1.81 -13.32
N ILE A 415 -24.14 -2.92 -13.96
CA ILE A 415 -25.08 -3.60 -14.82
C ILE A 415 -26.45 -3.83 -14.18
N GLN A 416 -26.48 -4.34 -12.96
CA GLN A 416 -27.74 -4.48 -12.27
C GLN A 416 -28.57 -3.18 -12.19
N ASN A 417 -27.93 -2.05 -11.87
CA ASN A 417 -28.66 -0.79 -11.74
C ASN A 417 -28.97 -0.12 -13.07
N THR A 418 -28.08 -0.28 -14.05
CA THR A 418 -28.41 0.10 -15.41
C THR A 418 -29.71 -0.57 -15.84
N GLN A 419 -29.95 -1.75 -15.33
CA GLN A 419 -30.99 -2.59 -15.88
C GLN A 419 -32.32 -2.11 -15.32
N MET A 420 -32.37 -2.03 -14.00
CA MET A 420 -33.31 -1.15 -13.34
C MET A 420 -33.70 0.09 -14.18
N TYR A 421 -32.73 0.89 -14.59
CA TYR A 421 -33.10 2.07 -15.34
C TYR A 421 -33.81 1.70 -16.61
N GLU A 422 -33.16 0.96 -17.50
CA GLU A 422 -33.85 0.51 -18.71
C GLU A 422 -35.25 -0.05 -18.40
N ALA A 423 -35.38 -0.68 -17.23
CA ALA A 423 -36.65 -1.21 -16.76
C ALA A 423 -37.76 -0.15 -16.69
N VAL A 424 -37.73 0.64 -15.63
CA VAL A 424 -38.50 1.89 -15.57
C VAL A 424 -38.72 2.59 -16.93
N GLU A 425 -37.78 2.49 -17.85
CA GLU A 425 -37.95 3.21 -19.09
C GLU A 425 -38.98 2.48 -19.94
N ARG A 426 -39.02 1.16 -19.76
CA ARG A 426 -39.96 0.33 -20.50
C ARG A 426 -41.38 0.40 -19.93
N ALA A 427 -41.49 0.70 -18.63
CA ALA A 427 -42.77 1.10 -18.02
C ALA A 427 -43.38 2.32 -18.72
N MET A 428 -42.64 3.42 -18.69
CA MET A 428 -43.11 4.66 -19.27
C MET A 428 -43.59 4.52 -20.70
N ALA A 429 -42.95 3.68 -21.51
CA ALA A 429 -43.40 3.48 -22.89
C ALA A 429 -44.42 2.33 -23.02
N LYS A 430 -45.32 2.23 -22.05
CA LYS A 430 -46.50 1.35 -22.14
C LYS A 430 -47.84 2.12 -22.17
N ARG A 431 -47.83 3.37 -21.72
CA ARG A 431 -48.59 4.45 -22.38
C ARG A 431 -47.68 5.59 -22.91
N ILE B 13 -12.37 0.10 12.75
CA ILE B 13 -12.71 0.72 11.43
C ILE B 13 -13.19 2.14 11.65
N SER B 14 -12.24 3.05 11.78
CA SER B 14 -12.55 4.42 12.14
C SER B 14 -11.53 5.41 11.62
N ALA B 15 -11.94 6.16 10.61
CA ALA B 15 -11.28 7.40 10.27
C ALA B 15 -10.07 7.69 11.15
N SER B 16 -10.15 7.31 12.42
CA SER B 16 -9.21 7.84 13.39
C SER B 16 -7.95 6.99 13.54
N GLU B 17 -8.06 5.73 13.18
CA GLU B 17 -6.85 4.91 13.01
C GLU B 17 -6.02 5.26 11.78
N PHE B 18 -6.54 6.14 10.95
CA PHE B 18 -5.80 6.65 9.80
C PHE B 18 -5.28 8.07 10.01
N ASP B 19 -5.43 8.59 11.22
CA ASP B 19 -5.00 9.94 11.53
C ASP B 19 -3.49 10.04 11.74
N ARG B 20 -2.73 9.69 10.71
CA ARG B 20 -1.39 10.30 10.47
C ARG B 20 -1.34 10.87 9.10
N PRO B 21 -0.19 11.46 8.75
CA PRO B 21 0.12 11.87 7.36
C PRO B 21 0.07 10.74 6.29
N LEU B 22 -0.73 10.91 5.24
CA LEU B 22 -0.78 9.99 4.12
C LEU B 22 -0.68 10.68 2.74
N ARG B 23 -0.43 9.89 1.71
CA ARG B 23 -0.47 10.44 0.37
C ARG B 23 -1.81 11.11 0.16
N PRO B 24 -1.81 12.19 -0.62
CA PRO B 24 -3.06 12.68 -1.13
C PRO B 24 -3.96 11.56 -1.61
N ILE B 25 -5.17 11.54 -1.07
CA ILE B 25 -6.12 10.50 -1.35
C ILE B 25 -6.59 10.63 -2.79
N VAL B 26 -6.64 11.85 -3.30
CA VAL B 26 -6.91 12.09 -4.72
C VAL B 26 -6.06 13.18 -5.32
N VAL B 27 -5.69 12.95 -6.57
CA VAL B 27 -5.15 13.96 -7.45
C VAL B 27 -6.27 14.47 -8.34
N LYS B 28 -6.39 15.80 -8.42
CA LYS B 28 -7.24 16.42 -9.45
C LYS B 28 -6.38 16.96 -10.59
N ASP B 29 -6.94 16.97 -11.79
CA ASP B 29 -6.16 17.16 -13.01
C ASP B 29 -6.49 18.48 -13.72
N SER B 30 -5.78 18.75 -14.80
CA SER B 30 -5.61 20.11 -15.32
C SER B 30 -6.90 20.92 -15.50
N GLU B 31 -8.03 20.45 -14.98
CA GLU B 31 -9.33 20.70 -15.62
C GLU B 31 -10.47 19.80 -15.14
N GLY B 32 -10.65 19.67 -13.83
CA GLY B 32 -11.83 18.98 -13.31
C GLY B 32 -11.59 17.65 -12.63
N THR B 33 -11.05 16.67 -13.38
CA THR B 33 -11.24 15.24 -13.12
C THR B 33 -10.34 14.72 -12.00
N VAL B 34 -10.93 14.38 -10.85
CA VAL B 34 -10.18 13.81 -9.76
C VAL B 34 -9.86 12.33 -9.98
N SER B 35 -8.58 11.97 -9.88
CA SER B 35 -8.17 10.57 -9.99
C SER B 35 -7.65 10.02 -8.66
N PHE B 36 -7.65 8.71 -8.50
CA PHE B 36 -7.18 8.09 -7.27
C PHE B 36 -5.73 7.65 -7.40
N LEU B 37 -5.20 7.74 -8.61
CA LEU B 37 -3.82 7.44 -8.86
C LEU B 37 -2.94 8.49 -8.20
N SER B 38 -2.39 8.16 -7.04
CA SER B 38 -1.71 9.17 -6.23
C SER B 38 -0.36 8.68 -5.72
N ASP B 39 0.56 9.64 -5.55
CA ASP B 39 2.02 9.41 -5.62
C ASP B 39 2.48 8.73 -6.91
N SER B 40 3.31 9.43 -7.69
CA SER B 40 3.56 9.10 -9.11
C SER B 40 4.41 7.84 -9.26
N GLU B 41 3.75 6.69 -9.38
CA GLU B 41 4.19 5.47 -8.67
C GLU B 41 4.23 4.16 -9.48
N LYS B 42 5.33 3.42 -9.30
CA LYS B 42 5.35 1.97 -9.54
C LYS B 42 5.47 1.21 -8.21
N ASP B 59 36.53 -4.14 20.94
CA ASP B 59 35.28 -3.77 20.20
C ASP B 59 34.04 -4.54 20.67
N GLN B 60 32.95 -3.81 20.90
CA GLN B 60 31.63 -4.29 20.57
C GLN B 60 31.30 -3.93 19.12
N SER B 61 32.18 -3.14 18.51
CA SER B 61 32.20 -2.96 17.06
C SER B 61 31.59 -4.18 16.35
N SER B 62 32.04 -5.38 16.70
CA SER B 62 31.42 -6.57 16.14
C SER B 62 30.13 -6.90 16.86
N ARG B 63 30.09 -6.60 18.16
CA ARG B 63 28.94 -6.93 19.02
C ARG B 63 27.71 -6.13 18.65
N LEU B 64 27.92 -4.84 18.35
CA LEU B 64 26.94 -3.99 17.69
C LEU B 64 26.21 -4.61 16.49
N LEU B 65 26.97 -5.06 15.49
CA LEU B 65 26.44 -5.76 14.31
C LEU B 65 25.48 -6.87 14.69
N GLU B 66 25.85 -7.68 15.65
CA GLU B 66 24.97 -8.74 16.05
C GLU B 66 23.62 -8.10 16.28
N LEU B 67 23.68 -6.84 16.72
CA LEU B 67 22.53 -6.11 17.23
C LEU B 67 21.75 -5.45 16.12
N VAL B 68 22.43 -4.59 15.37
CA VAL B 68 21.95 -4.22 14.06
C VAL B 68 21.33 -5.37 13.21
N LYS B 69 22.04 -6.49 13.06
CA LYS B 69 21.44 -7.62 12.37
C LYS B 69 20.04 -7.87 12.92
N ASP B 70 19.92 -7.95 14.25
CA ASP B 70 18.69 -8.45 14.87
C ASP B 70 17.49 -7.52 14.70
N ILE B 71 17.71 -6.21 14.66
CA ILE B 71 16.58 -5.29 14.51
C ILE B 71 16.17 -5.16 13.05
N SER B 72 17.13 -5.25 12.13
CA SER B 72 16.93 -4.83 10.76
C SER B 72 15.93 -5.73 10.06
N SER B 73 15.72 -6.90 10.63
CA SER B 73 14.77 -7.85 10.08
C SER B 73 13.34 -7.38 10.23
N HIS B 74 13.12 -6.33 11.04
CA HIS B 74 11.77 -5.97 11.56
C HIS B 74 11.14 -4.75 10.89
N LEU B 75 9.89 -4.88 10.53
CA LEU B 75 9.22 -3.77 9.88
C LEU B 75 7.94 -3.41 10.62
N ASP B 76 7.51 -4.35 11.48
CA ASP B 76 6.52 -4.10 12.51
C ASP B 76 7.07 -3.16 13.56
N VAL B 77 6.42 -2.01 13.73
CA VAL B 77 6.94 -1.00 14.64
C VAL B 77 6.85 -1.43 16.10
N THR B 78 5.79 -2.17 16.44
CA THR B 78 5.70 -2.72 17.77
C THR B 78 6.91 -3.59 17.98
N ALA B 79 7.03 -4.59 17.11
CA ALA B 79 7.90 -5.70 17.39
C ALA B 79 9.33 -5.19 17.38
N LEU B 80 9.54 -4.09 16.68
CA LEU B 80 10.88 -3.55 16.49
C LEU B 80 11.19 -2.73 17.73
N CYS B 81 10.14 -2.24 18.37
CA CYS B 81 10.32 -1.46 19.60
C CYS B 81 10.67 -2.39 20.73
N HIS B 82 9.87 -3.43 20.88
CA HIS B 82 10.17 -4.37 21.92
C HIS B 82 11.60 -4.81 21.79
N LYS B 83 12.05 -5.12 20.59
CA LYS B 83 13.46 -5.43 20.41
C LYS B 83 14.44 -4.30 20.83
N ILE B 84 14.29 -3.07 20.32
CA ILE B 84 15.13 -1.96 20.78
C ILE B 84 15.12 -1.86 22.31
N PHE B 85 13.97 -2.17 22.91
CA PHE B 85 13.86 -2.06 24.35
C PHE B 85 14.85 -2.99 25.06
N LEU B 86 14.75 -4.29 24.78
CA LEU B 86 15.80 -5.20 25.20
C LEU B 86 17.20 -4.72 24.89
N HIS B 87 17.50 -4.39 23.65
CA HIS B 87 18.90 -4.21 23.40
C HIS B 87 19.44 -3.16 24.34
N ILE B 88 18.65 -2.13 24.61
CA ILE B 88 19.25 -0.98 25.27
C ILE B 88 19.59 -1.37 26.70
N HIS B 89 18.82 -2.35 27.21
CA HIS B 89 19.16 -2.99 28.48
C HIS B 89 20.59 -3.49 28.59
N GLY B 90 21.04 -4.25 27.59
CA GLY B 90 22.35 -4.87 27.65
C GLY B 90 23.46 -3.95 27.16
N LEU B 91 23.22 -2.65 27.17
CA LEU B 91 23.98 -1.77 26.30
C LEU B 91 24.66 -0.65 27.07
N ILE B 92 23.89 0.06 27.89
CA ILE B 92 24.39 0.69 29.12
C ILE B 92 23.70 0.11 30.35
N SER B 93 24.37 0.20 31.49
CA SER B 93 23.90 -0.46 32.70
C SER B 93 23.30 0.54 33.67
N ALA B 94 21.99 0.48 33.87
CA ALA B 94 21.27 1.51 34.61
C ALA B 94 19.95 0.98 35.22
N ASP B 95 19.37 1.70 36.17
CA ASP B 95 18.31 1.12 36.98
C ASP B 95 17.02 0.99 36.21
N ARG B 96 16.59 2.10 35.62
CA ARG B 96 15.34 2.12 34.89
C ARG B 96 15.55 2.60 33.46
N TYR B 97 14.89 1.93 32.51
CA TYR B 97 15.11 2.18 31.09
C TYR B 97 13.79 2.54 30.43
N SER B 98 13.83 3.38 29.40
CA SER B 98 12.65 3.69 28.63
C SER B 98 12.94 4.12 27.21
N LEU B 99 11.97 3.82 26.35
CA LEU B 99 12.07 4.18 24.94
C LEU B 99 10.78 4.81 24.47
N PHE B 100 10.93 5.87 23.68
CA PHE B 100 9.84 6.74 23.32
C PHE B 100 9.72 6.83 21.79
N LEU B 101 8.50 6.66 21.30
CA LEU B 101 8.27 6.74 19.88
C LEU B 101 7.60 8.05 19.48
N VAL B 102 8.28 8.93 18.72
CA VAL B 102 7.54 10.03 18.07
C VAL B 102 6.28 9.63 17.27
N CYS B 103 5.28 10.48 17.25
CA CYS B 103 4.11 10.24 16.42
C CYS B 103 3.62 11.52 15.78
N GLU B 104 2.50 11.46 15.06
CA GLU B 104 2.13 12.53 14.14
C GLU B 104 0.74 12.30 13.58
N ASP B 105 -0.08 13.34 13.54
CA ASP B 105 -1.47 13.20 13.09
C ASP B 105 -1.63 13.98 11.80
N SER B 106 -2.76 13.81 11.13
CA SER B 106 -2.95 14.43 9.82
C SER B 106 -2.37 15.81 9.86
N SER B 107 -2.44 16.45 11.02
CA SER B 107 -2.15 17.87 11.13
C SER B 107 -0.69 18.17 11.37
N ASN B 108 0.13 17.14 11.51
CA ASN B 108 1.57 17.37 11.61
C ASN B 108 1.99 17.81 12.98
N ASP B 109 1.18 17.52 13.98
CA ASP B 109 1.57 17.87 15.32
C ASP B 109 2.13 16.64 15.98
N LYS B 110 3.43 16.69 16.27
CA LYS B 110 4.09 15.52 16.78
C LYS B 110 3.76 15.36 18.26
N PHE B 111 3.45 14.16 18.73
CA PHE B 111 3.74 13.81 20.13
C PHE B 111 4.80 12.71 20.32
N LEU B 112 4.99 12.28 21.57
CA LEU B 112 5.67 11.03 21.86
C LEU B 112 4.77 10.06 22.60
N ILE B 113 4.93 8.80 22.33
CA ILE B 113 4.13 7.83 23.00
C ILE B 113 5.14 6.85 23.56
N SER B 114 4.70 6.10 24.56
CA SER B 114 5.55 5.08 25.12
C SER B 114 4.77 4.06 25.90
N ARG B 115 5.16 2.81 25.75
CA ARG B 115 4.55 1.71 26.48
C ARG B 115 5.71 0.86 26.97
N LEU B 116 6.92 1.25 26.61
CA LEU B 116 8.08 0.65 27.22
C LEU B 116 8.89 1.63 28.04
N PHE B 117 8.68 1.46 29.34
CA PHE B 117 8.99 2.42 30.39
C PHE B 117 9.07 1.54 31.63
N ASP B 118 10.29 1.32 32.10
CA ASP B 118 10.49 0.87 33.46
C ASP B 118 9.82 1.85 34.42
N VAL B 119 8.69 1.42 34.97
CA VAL B 119 8.31 1.71 36.34
C VAL B 119 9.12 0.86 37.34
N ALA B 120 9.86 -0.11 36.80
CA ALA B 120 10.38 -1.25 37.57
C ALA B 120 9.91 -1.25 39.04
N ASN B 130 -2.86 -2.61 29.69
CA ASN B 130 -2.44 -1.62 30.73
C ASN B 130 -2.43 -0.15 30.23
N ASN B 131 -1.24 0.45 30.16
CA ASN B 131 -1.07 1.91 30.21
C ASN B 131 -0.05 2.32 29.16
N CYS B 132 -0.05 3.60 28.79
CA CYS B 132 0.82 4.12 27.74
C CYS B 132 1.07 5.60 27.92
N ILE B 133 2.26 5.98 28.40
CA ILE B 133 2.63 7.40 28.42
C ILE B 133 2.31 8.13 27.11
N ARG B 134 2.20 9.46 27.17
CA ARG B 134 2.10 10.29 25.98
C ARG B 134 2.50 11.70 26.33
N LEU B 135 3.54 12.25 25.70
CA LEU B 135 4.02 13.57 26.09
C LEU B 135 3.82 14.50 24.93
N GLU B 136 3.41 15.74 25.19
CA GLU B 136 3.36 16.70 24.10
C GLU B 136 4.74 17.26 23.87
N TRP B 137 4.86 18.13 22.87
CA TRP B 137 6.01 18.07 22.01
C TRP B 137 7.29 18.53 22.70
N ASN B 138 7.22 19.60 23.49
CA ASN B 138 8.45 20.11 24.04
C ASN B 138 8.43 20.03 25.55
N LYS B 139 7.44 19.31 26.07
CA LYS B 139 7.35 19.05 27.52
C LYS B 139 8.45 18.09 27.94
N GLY B 140 8.73 18.06 29.25
CA GLY B 140 9.69 17.11 29.79
C GLY B 140 11.12 17.43 29.41
N ILE B 141 12.05 16.80 30.13
CA ILE B 141 13.32 16.36 29.56
C ILE B 141 13.16 15.70 28.18
N VAL B 142 12.53 14.52 28.11
CA VAL B 142 12.52 13.78 26.84
C VAL B 142 11.99 14.65 25.70
N GLY B 143 10.72 15.02 25.81
CA GLY B 143 10.13 15.95 24.85
C GLY B 143 11.04 17.11 24.45
N HIS B 144 12.01 17.41 25.29
CA HIS B 144 12.97 18.44 24.94
C HIS B 144 14.06 17.89 24.07
N VAL B 145 14.65 16.78 24.47
CA VAL B 145 15.63 16.13 23.62
C VAL B 145 15.02 15.65 22.29
N ALA B 146 13.76 15.22 22.32
CA ALA B 146 12.96 15.14 21.10
C ALA B 146 13.13 16.39 20.26
N ALA B 147 12.67 17.52 20.79
CA ALA B 147 12.38 18.68 19.94
C ALA B 147 13.64 19.41 19.54
N LEU B 148 14.70 19.19 20.30
CA LEU B 148 15.98 19.76 19.97
C LEU B 148 16.83 18.71 19.26
N GLY B 149 16.43 17.45 19.44
CA GLY B 149 17.25 16.33 19.02
C GLY B 149 18.72 16.55 19.34
N GLU B 150 18.99 16.94 20.59
CA GLU B 150 20.29 16.76 21.22
C GLU B 150 20.19 15.96 22.53
N PRO B 151 21.26 15.25 22.88
CA PRO B 151 21.22 14.41 24.07
C PRO B 151 21.39 15.24 25.34
N LEU B 152 20.79 14.81 26.44
CA LEU B 152 21.08 15.37 27.77
C LEU B 152 21.71 14.35 28.69
N ASN B 153 22.94 14.63 29.11
CA ASN B 153 23.66 13.74 30.01
C ASN B 153 23.75 14.32 31.41
N ILE B 154 22.91 13.82 32.31
CA ILE B 154 22.56 14.58 33.51
C ILE B 154 23.15 14.01 34.81
N LYS B 155 24.04 14.78 35.42
CA LYS B 155 24.87 14.31 36.51
C LYS B 155 24.12 14.22 37.84
N ASP B 156 23.48 15.32 38.27
CA ASP B 156 22.36 15.25 39.24
C ASP B 156 21.08 15.81 38.67
N ALA B 157 19.99 15.07 38.88
CA ALA B 157 18.72 15.36 38.23
C ALA B 157 18.02 16.54 38.90
N TYR B 158 18.21 16.64 40.21
CA TYR B 158 17.56 17.66 41.01
C TYR B 158 18.12 19.04 40.73
N GLU B 159 19.03 19.13 39.78
CA GLU B 159 19.57 20.42 39.36
C GLU B 159 18.99 20.90 38.03
N ASP B 160 18.84 19.98 37.08
CA ASP B 160 18.25 20.35 35.80
C ASP B 160 16.88 20.98 36.07
N PRO B 161 16.79 22.27 35.75
CA PRO B 161 15.51 22.94 35.59
C PRO B 161 14.43 21.97 35.14
N ARG B 162 14.72 21.17 34.10
CA ARG B 162 13.66 20.60 33.28
C ARG B 162 13.03 19.49 34.08
N PHE B 163 13.81 18.98 35.03
CA PHE B 163 13.39 17.90 35.92
C PHE B 163 12.28 18.35 36.85
N ASN B 164 11.44 17.41 37.25
CA ASN B 164 10.52 17.67 38.33
C ASN B 164 10.36 16.44 39.23
N ALA B 165 10.22 16.67 40.54
CA ALA B 165 10.37 15.57 41.49
C ALA B 165 9.05 15.04 42.01
N GLU B 166 7.95 15.61 41.50
CA GLU B 166 6.65 15.14 41.94
C GLU B 166 6.58 13.63 42.04
N VAL B 167 7.30 12.93 41.17
CA VAL B 167 6.99 11.52 41.00
C VAL B 167 7.94 10.69 41.80
N ASP B 168 9.20 11.15 41.87
CA ASP B 168 10.15 10.57 42.77
C ASP B 168 9.46 10.52 44.12
N GLN B 169 8.92 11.69 44.46
CA GLN B 169 8.32 11.98 45.76
C GLN B 169 7.11 11.07 46.03
N ILE B 170 6.13 11.08 45.12
CA ILE B 170 4.95 10.24 45.32
C ILE B 170 5.25 8.77 45.57
N THR B 171 6.43 8.31 45.14
CA THR B 171 6.63 6.86 44.91
C THR B 171 7.89 6.37 45.62
N GLY B 172 8.82 7.28 45.85
CA GLY B 172 9.87 7.01 46.81
C GLY B 172 11.15 6.68 46.11
N TYR B 173 11.08 6.54 44.80
CA TYR B 173 12.27 6.57 43.95
C TYR B 173 12.99 7.91 44.14
N LYS B 174 14.32 7.91 44.08
CA LYS B 174 15.04 9.14 43.82
C LYS B 174 15.78 9.13 42.48
N THR B 175 15.23 9.79 41.48
CA THR B 175 15.99 10.05 40.27
C THR B 175 17.22 10.87 40.59
N GLN B 176 18.27 10.74 39.76
CA GLN B 176 19.63 10.97 40.22
C GLN B 176 20.57 11.33 39.07
N SER B 177 20.79 10.37 38.18
CA SER B 177 21.48 10.62 36.92
C SER B 177 20.63 10.11 35.77
N ILE B 178 20.84 10.74 34.61
CA ILE B 178 19.94 10.59 33.48
C ILE B 178 20.67 10.73 32.14
N LEU B 179 20.65 9.64 31.37
CA LEU B 179 20.98 9.68 29.95
C LEU B 179 19.74 9.59 29.09
N CYS B 180 19.43 10.72 28.45
CA CYS B 180 18.37 10.79 27.47
C CYS B 180 18.94 11.13 26.12
N MET B 181 18.75 10.21 25.15
CA MET B 181 19.32 10.31 23.81
C MET B 181 18.18 10.34 22.79
N PRO B 182 18.40 11.08 21.68
CA PRO B 182 17.50 11.18 20.52
C PRO B 182 17.76 9.99 19.61
N ILE B 183 16.71 9.52 18.94
CA ILE B 183 16.85 8.54 17.87
C ILE B 183 16.48 9.17 16.51
N LYS B 184 17.50 9.48 15.70
CA LYS B 184 17.24 9.95 14.32
C LYS B 184 17.41 8.91 13.19
N ASN B 185 16.36 8.74 12.40
CA ASN B 185 16.56 8.35 11.01
C ASN B 185 17.59 9.22 10.29
N HIS B 186 17.87 8.84 9.06
CA HIS B 186 19.08 9.27 8.35
C HIS B 186 19.03 10.73 7.87
N ARG B 187 17.84 11.30 7.72
CA ARG B 187 17.70 12.66 7.26
C ARG B 187 17.78 13.56 8.48
N GLU B 188 18.14 12.93 9.60
CA GLU B 188 18.52 13.63 10.84
C GLU B 188 17.29 14.08 11.65
N GLU B 189 16.12 13.73 11.14
CA GLU B 189 14.86 13.94 11.83
C GLU B 189 14.68 12.99 13.02
N VAL B 190 14.03 13.46 14.08
CA VAL B 190 13.94 12.67 15.31
C VAL B 190 12.70 11.78 15.34
N VAL B 191 12.91 10.46 15.38
CA VAL B 191 11.79 9.52 15.23
C VAL B 191 11.46 8.87 16.57
N GLY B 192 12.33 9.06 17.55
CA GLY B 192 12.12 8.45 18.85
C GLY B 192 13.15 8.90 19.86
N VAL B 193 12.85 8.64 21.13
CA VAL B 193 13.78 8.99 22.20
C VAL B 193 13.90 7.81 23.12
N ALA B 194 15.13 7.56 23.56
CA ALA B 194 15.38 6.50 24.52
C ALA B 194 16.28 7.04 25.58
N GLN B 195 16.04 6.55 26.79
CA GLN B 195 16.73 7.05 27.95
C GLN B 195 16.94 6.01 29.01
N ALA B 196 18.01 6.26 29.78
CA ALA B 196 18.44 5.40 30.86
C ALA B 196 18.62 6.26 32.10
N ILE B 197 18.03 5.82 33.20
CA ILE B 197 17.98 6.62 34.42
C ILE B 197 18.73 5.90 35.54
N ASN B 198 19.71 6.58 36.14
CA ASN B 198 20.41 6.05 37.32
C ASN B 198 21.40 4.92 37.01
N LYS B 199 22.64 5.28 36.69
CA LYS B 199 23.71 4.27 36.51
C LYS B 199 23.79 3.22 37.61
N LYS B 200 24.30 2.03 37.28
CA LYS B 200 24.77 1.09 38.30
C LYS B 200 26.29 1.19 38.45
N SER B 201 26.78 1.26 39.68
CA SER B 201 28.17 1.65 39.93
C SER B 201 28.74 1.00 41.19
N GLY B 202 30.07 1.03 41.30
CA GLY B 202 30.74 1.01 42.59
C GLY B 202 30.78 2.37 43.26
N ASN B 203 31.37 3.35 42.57
CA ASN B 203 31.73 4.62 43.21
C ASN B 203 30.59 5.64 43.22
N GLY B 204 29.37 5.18 42.98
CA GLY B 204 28.31 6.08 42.51
C GLY B 204 28.71 6.76 41.20
N GLY B 205 27.97 6.44 40.14
CA GLY B 205 28.42 6.78 38.79
C GLY B 205 27.58 7.87 38.16
N THR B 206 28.26 8.81 37.50
CA THR B 206 27.63 9.58 36.45
C THR B 206 27.31 8.69 35.24
N PHE B 207 27.09 9.30 34.07
CA PHE B 207 26.99 8.52 32.84
C PHE B 207 28.15 8.84 31.92
N THR B 208 28.93 7.81 31.59
CA THR B 208 30.32 7.95 31.19
C THR B 208 30.40 8.66 29.85
N GLU B 209 31.44 9.48 29.66
CA GLU B 209 31.67 10.08 28.36
C GLU B 209 31.57 9.01 27.28
N LYS B 210 31.61 7.75 27.72
CA LYS B 210 31.77 6.60 26.83
C LYS B 210 30.54 5.70 26.87
N ASP B 211 29.64 5.95 27.80
CA ASP B 211 28.30 5.39 27.73
C ASP B 211 27.47 6.09 26.67
N GLU B 212 27.55 7.43 26.66
CA GLU B 212 26.86 8.24 25.66
C GLU B 212 27.11 7.61 24.29
N LYS B 213 28.33 7.15 24.05
CA LYS B 213 28.77 6.78 22.69
C LYS B 213 28.27 5.41 22.25
N ASP B 214 28.67 4.38 22.97
CA ASP B 214 28.01 3.09 22.90
C ASP B 214 26.52 3.17 22.58
N PHE B 215 25.86 4.21 23.06
CA PHE B 215 24.41 4.29 23.04
C PHE B 215 24.00 4.89 21.70
N ALA B 216 24.75 5.89 21.26
CA ALA B 216 24.22 6.80 20.27
C ALA B 216 24.31 6.21 18.86
N ALA B 217 25.55 5.80 18.50
CA ALA B 217 25.87 4.42 18.09
C ALA B 217 24.67 3.50 17.80
N TYR B 218 24.36 2.58 18.71
CA TYR B 218 23.20 1.70 18.51
C TYR B 218 21.93 2.46 18.11
N LEU B 219 21.93 3.73 18.43
CA LEU B 219 20.69 4.47 18.36
C LEU B 219 20.55 4.95 16.94
N ALA B 220 21.71 5.32 16.36
CA ALA B 220 21.80 5.61 14.92
C ALA B 220 21.10 4.57 14.04
N PHE B 221 21.33 3.29 14.33
CA PHE B 221 20.68 2.25 13.56
C PHE B 221 19.18 2.16 13.80
N CYS B 222 18.78 2.30 15.06
CA CYS B 222 17.37 2.25 15.39
C CYS B 222 16.64 3.35 14.65
N GLY B 223 17.31 4.51 14.54
CA GLY B 223 16.78 5.65 13.79
C GLY B 223 16.26 5.18 12.44
N ILE B 224 17.20 4.56 11.70
CA ILE B 224 16.98 4.16 10.30
C ILE B 224 15.98 3.01 10.14
N VAL B 225 16.19 1.92 10.87
CA VAL B 225 15.20 0.88 10.87
C VAL B 225 13.80 1.35 11.31
N LEU B 226 13.73 1.97 12.50
CA LEU B 226 12.49 2.62 12.95
C LEU B 226 11.83 3.35 11.82
N HIS B 227 12.57 4.26 11.20
CA HIS B 227 11.99 5.00 10.12
C HIS B 227 11.37 4.18 8.99
N ASN B 228 12.11 3.19 8.45
CA ASN B 228 11.55 2.32 7.42
C ASN B 228 10.28 1.60 7.92
N ALA B 229 10.28 1.21 9.19
CA ALA B 229 9.18 0.39 9.67
C ALA B 229 7.93 1.23 9.70
N GLN B 230 8.16 2.53 9.94
CA GLN B 230 7.07 3.44 10.00
C GLN B 230 6.55 3.62 8.57
N LEU B 231 7.50 3.93 7.71
CA LEU B 231 7.29 3.96 6.27
C LEU B 231 6.51 2.77 5.69
N TYR B 232 6.90 1.57 6.09
CA TYR B 232 6.13 0.41 5.74
C TYR B 232 4.67 0.54 6.21
N GLU B 233 4.48 0.87 7.49
CA GLU B 233 3.14 0.77 8.06
C GLU B 233 2.22 1.85 7.50
N THR B 234 2.78 3.04 7.24
CA THR B 234 2.03 4.07 6.56
C THR B 234 1.48 3.59 5.24
N SER B 235 2.35 2.94 4.47
CA SER B 235 1.92 2.24 3.27
C SER B 235 0.79 1.30 3.58
N LEU B 236 1.02 0.40 4.54
CA LEU B 236 0.02 -0.59 4.87
C LEU B 236 -1.31 0.08 5.16
N LEU B 237 -1.23 1.31 5.67
CA LEU B 237 -2.38 2.04 6.14
C LEU B 237 -3.05 2.68 4.96
N GLU B 238 -2.22 3.22 4.06
CA GLU B 238 -2.70 3.84 2.82
C GLU B 238 -3.51 2.86 2.00
N ASN B 239 -3.11 1.59 2.04
CA ASN B 239 -3.92 0.57 1.43
C ASN B 239 -5.21 0.12 2.15
N LYS B 240 -5.21 0.12 3.48
CA LYS B 240 -6.44 -0.21 4.20
C LYS B 240 -7.50 0.86 3.93
N ARG B 241 -7.02 2.09 3.78
CA ARG B 241 -7.84 3.18 3.27
C ARG B 241 -8.56 2.90 1.94
N ASN B 242 -7.79 2.50 0.91
CA ASN B 242 -8.41 2.14 -0.37
C ASN B 242 -9.49 1.09 -0.22
N GLN B 243 -9.38 0.22 0.78
CA GLN B 243 -10.39 -0.80 0.92
C GLN B 243 -11.63 -0.38 1.70
N VAL B 244 -11.45 0.48 2.69
CA VAL B 244 -12.58 1.23 3.22
C VAL B 244 -13.43 1.89 2.10
N LEU B 245 -12.78 2.59 1.16
CA LEU B 245 -13.51 3.26 0.11
C LEU B 245 -14.12 2.24 -0.81
N LEU B 246 -13.27 1.35 -1.29
CA LEU B 246 -13.74 0.29 -2.14
C LEU B 246 -14.97 -0.37 -1.49
N ASP B 247 -14.89 -0.62 -0.19
CA ASP B 247 -16.02 -1.20 0.50
C ASP B 247 -17.20 -0.27 0.43
N LEU B 248 -16.99 0.93 0.96
CA LEU B 248 -18.09 1.81 1.24
C LEU B 248 -18.49 2.51 -0.06
N ALA B 249 -18.24 1.78 -1.16
CA ALA B 249 -18.71 2.12 -2.49
C ALA B 249 -19.54 0.96 -3.05
N SER B 250 -19.05 -0.26 -2.89
CA SER B 250 -19.92 -1.42 -3.04
C SER B 250 -21.18 -1.19 -2.24
N LEU B 251 -21.00 -0.67 -1.03
CA LEU B 251 -22.13 -0.32 -0.16
C LEU B 251 -23.19 0.57 -0.84
N ILE B 252 -22.80 1.81 -1.14
CA ILE B 252 -23.57 2.77 -1.98
C ILE B 252 -24.21 2.18 -3.24
N PHE B 253 -23.41 1.94 -4.27
CA PHE B 253 -23.93 1.61 -5.60
C PHE B 253 -24.72 0.31 -5.64
N GLU B 254 -24.99 -0.29 -4.49
CA GLU B 254 -25.78 -1.53 -4.44
C GLU B 254 -27.17 -1.42 -5.10
N GLU B 255 -28.01 -0.56 -4.55
CA GLU B 255 -29.23 -0.13 -5.22
C GLU B 255 -29.34 1.41 -5.25
N GLN B 256 -29.54 1.95 -6.45
CA GLN B 256 -29.69 3.40 -6.66
C GLN B 256 -31.07 3.71 -7.19
N GLN B 257 -32.09 3.43 -6.38
CA GLN B 257 -33.48 3.44 -6.82
C GLN B 257 -34.36 4.34 -5.93
N SER B 258 -33.74 5.30 -5.25
CA SER B 258 -34.45 6.17 -4.30
C SER B 258 -33.44 7.05 -3.60
N LEU B 259 -33.68 8.36 -3.62
CA LEU B 259 -32.83 9.28 -2.87
C LEU B 259 -32.97 9.08 -1.37
N GLU B 260 -34.06 8.46 -0.93
CA GLU B 260 -34.27 8.30 0.50
C GLU B 260 -33.43 7.12 1.02
N VAL B 261 -33.63 5.95 0.43
CA VAL B 261 -32.79 4.80 0.75
C VAL B 261 -31.33 5.22 0.85
N ILE B 262 -30.82 5.78 -0.24
CA ILE B 262 -29.39 5.82 -0.49
C ILE B 262 -28.69 6.71 0.53
N LEU B 263 -29.34 7.82 0.90
CA LEU B 263 -28.70 8.75 1.80
C LEU B 263 -28.67 8.17 3.20
N LYS B 264 -29.62 7.31 3.53
CA LYS B 264 -29.56 6.59 4.80
C LYS B 264 -28.27 5.77 4.82
N LYS B 265 -28.10 4.93 3.79
CA LYS B 265 -26.92 4.10 3.66
C LYS B 265 -25.64 4.93 3.79
N ILE B 266 -25.52 5.93 2.92
CA ILE B 266 -24.46 6.93 3.06
C ILE B 266 -24.27 7.52 4.47
N ALA B 267 -25.24 8.26 4.98
CA ALA B 267 -25.09 8.90 6.28
C ALA B 267 -24.68 7.92 7.40
N ALA B 268 -25.49 6.87 7.58
CA ALA B 268 -25.20 5.82 8.54
C ALA B 268 -23.73 5.44 8.63
N THR B 269 -23.14 5.07 7.49
CA THR B 269 -21.73 4.70 7.44
C THR B 269 -20.78 5.82 7.76
N ILE B 270 -20.97 6.97 7.11
CA ILE B 270 -20.18 8.14 7.43
C ILE B 270 -20.15 8.45 8.92
N ILE B 271 -21.29 8.36 9.58
CA ILE B 271 -21.33 8.70 10.99
C ILE B 271 -20.44 7.76 11.83
N SER B 272 -20.64 6.45 11.69
CA SER B 272 -19.78 5.51 12.41
C SER B 272 -18.34 5.68 11.94
N PHE B 273 -18.12 5.69 10.64
CA PHE B 273 -16.76 5.72 10.18
C PHE B 273 -16.02 6.93 10.72
N MET B 274 -16.63 8.11 10.62
CA MET B 274 -15.93 9.38 10.82
C MET B 274 -15.91 9.73 12.30
N GLN B 275 -16.87 9.15 13.01
CA GLN B 275 -17.06 9.35 14.44
C GLN B 275 -17.57 10.75 14.80
N VAL B 276 -18.71 11.11 14.21
CA VAL B 276 -19.31 12.40 14.44
C VAL B 276 -20.69 12.11 15.05
N GLN B 277 -21.42 13.16 15.42
CA GLN B 277 -22.78 13.03 15.98
C GLN B 277 -23.90 13.22 14.93
N LYS B 278 -23.67 14.06 13.93
CA LYS B 278 -24.72 14.30 12.96
C LYS B 278 -24.25 14.50 11.51
N CYS B 279 -24.69 13.60 10.64
CA CYS B 279 -24.56 13.78 9.19
C CYS B 279 -25.82 14.44 8.65
N THR B 280 -25.63 15.50 7.87
CA THR B 280 -26.71 16.06 7.09
C THR B 280 -26.35 16.18 5.61
N ILE B 281 -27.14 15.49 4.80
CA ILE B 281 -26.99 15.51 3.36
C ILE B 281 -28.03 16.44 2.77
N PHE B 282 -27.57 17.49 2.11
CA PHE B 282 -28.45 18.37 1.37
C PHE B 282 -28.33 18.08 -0.13
N ILE B 283 -29.47 18.01 -0.81
CA ILE B 283 -29.50 17.88 -2.27
C ILE B 283 -30.08 19.12 -2.94
N VAL B 284 -29.20 19.87 -3.62
CA VAL B 284 -29.59 20.96 -4.51
C VAL B 284 -30.84 20.65 -5.34
N ASP B 285 -31.73 21.64 -5.45
CA ASP B 285 -32.85 21.58 -6.40
C ASP B 285 -32.47 21.14 -7.82
N GLU B 286 -33.11 20.07 -8.25
CA GLU B 286 -32.86 19.51 -9.57
C GLU B 286 -33.14 20.58 -10.65
N ASP B 287 -34.16 21.40 -10.38
CA ASP B 287 -34.91 22.07 -11.44
C ASP B 287 -34.30 23.42 -11.81
N CYS B 288 -34.21 24.32 -10.82
CA CYS B 288 -33.24 25.42 -10.85
C CYS B 288 -33.23 26.18 -9.52
N SER B 289 -32.36 25.78 -8.59
CA SER B 289 -30.93 25.69 -8.84
C SER B 289 -30.13 26.25 -7.67
N ASP B 290 -30.68 27.26 -7.01
CA ASP B 290 -30.08 27.80 -5.80
C ASP B 290 -31.00 27.42 -4.66
N SER B 291 -31.79 26.39 -4.92
CA SER B 291 -32.71 25.88 -3.92
C SER B 291 -32.05 24.70 -3.23
N PHE B 292 -32.85 23.88 -2.56
CA PHE B 292 -32.40 22.58 -2.07
C PHE B 292 -33.53 21.57 -2.10
N SER B 293 -33.76 20.97 -3.27
CA SER B 293 -34.74 19.87 -3.43
C SER B 293 -35.21 19.23 -2.12
N SER B 294 -34.33 18.50 -1.44
CA SER B 294 -34.53 18.29 -0.01
C SER B 294 -33.39 17.52 0.66
N VAL B 295 -33.68 16.94 1.84
CA VAL B 295 -32.70 16.88 2.93
C VAL B 295 -32.93 15.72 3.91
N PHE B 296 -32.13 14.67 3.74
CA PHE B 296 -31.83 13.71 4.80
C PHE B 296 -30.99 14.37 5.92
N HIS B 297 -31.22 13.92 7.16
CA HIS B 297 -30.38 14.32 8.28
C HIS B 297 -30.47 13.25 9.36
N MET B 298 -29.35 12.60 9.64
CA MET B 298 -29.28 11.55 10.66
C MET B 298 -28.34 11.92 11.82
N GLU B 299 -28.74 11.58 13.04
CA GLU B 299 -27.85 11.62 14.22
C GLU B 299 -27.57 10.20 14.63
N CYS B 300 -26.71 10.04 15.63
CA CYS B 300 -25.87 8.86 15.69
C CYS B 300 -26.42 7.87 16.68
N GLU B 301 -27.70 7.53 16.50
CA GLU B 301 -28.23 6.27 17.02
C GLU B 301 -29.16 5.56 16.04
N GLU B 302 -29.98 6.31 15.32
CA GLU B 302 -30.60 5.80 14.07
C GLU B 302 -31.63 6.73 13.39
N LEU B 303 -32.83 6.19 13.12
CA LEU B 303 -33.71 6.72 12.08
C LEU B 303 -34.89 7.56 12.59
N GLU B 304 -34.75 8.89 12.50
CA GLU B 304 -35.90 9.81 12.38
C GLU B 304 -35.49 11.11 11.66
N LYS B 305 -36.10 11.36 10.51
CA LYS B 305 -35.61 12.40 9.60
C LYS B 305 -36.77 13.10 8.88
N SER B 306 -36.45 14.19 8.16
CA SER B 306 -37.10 14.54 6.89
C SER B 306 -37.27 16.05 6.70
N TYR B 321 -29.31 25.35 9.56
CA TYR B 321 -29.70 25.06 8.16
C TYR B 321 -29.05 26.06 7.16
N MET B 322 -28.15 26.89 7.69
CA MET B 322 -27.40 27.86 6.87
C MET B 322 -26.27 27.27 6.01
N TYR B 323 -25.60 26.23 6.53
CA TYR B 323 -24.15 26.03 6.38
C TYR B 323 -23.84 25.46 5.03
N ALA B 324 -24.50 24.34 4.74
CA ALA B 324 -24.73 23.92 3.37
C ALA B 324 -24.64 25.11 2.41
N GLN B 325 -25.56 26.04 2.56
CA GLN B 325 -25.63 27.21 1.69
C GLN B 325 -24.24 27.62 1.21
N TYR B 326 -23.36 27.92 2.15
CA TYR B 326 -22.16 28.66 1.85
C TYR B 326 -21.30 27.84 0.90
N VAL B 327 -21.27 26.53 1.16
CA VAL B 327 -20.55 25.54 0.32
C VAL B 327 -21.15 25.43 -1.08
N LYS B 328 -22.47 25.26 -1.13
CA LYS B 328 -23.23 25.32 -2.36
C LYS B 328 -22.71 26.44 -3.28
N ASN B 329 -22.38 27.57 -2.67
CA ASN B 329 -22.07 28.78 -3.43
C ASN B 329 -20.57 28.91 -3.69
N THR B 330 -19.79 28.65 -2.64
CA THR B 330 -18.33 28.63 -2.75
C THR B 330 -17.89 27.57 -3.72
N MET B 331 -18.38 26.36 -3.45
CA MET B 331 -18.02 25.16 -4.21
C MET B 331 -16.84 24.41 -3.60
N GLU B 332 -16.65 24.53 -2.29
CA GLU B 332 -15.43 24.05 -1.67
C GLU B 332 -15.68 23.64 -0.22
N PRO B 333 -14.80 22.79 0.33
CA PRO B 333 -14.99 22.26 1.68
C PRO B 333 -15.03 23.38 2.72
N LEU B 334 -15.75 23.15 3.81
CA LEU B 334 -15.76 24.11 4.90
C LEU B 334 -15.33 23.54 6.25
N ASN B 335 -14.31 24.13 6.84
CA ASN B 335 -13.79 23.65 8.11
C ASN B 335 -13.84 24.62 9.28
N ILE B 336 -14.88 24.49 10.10
CA ILE B 336 -15.05 25.34 11.27
C ILE B 336 -14.72 24.55 12.54
N PRO B 337 -13.57 24.89 13.15
CA PRO B 337 -13.20 24.29 14.42
C PRO B 337 -14.31 24.56 15.39
N ASP B 338 -14.39 25.83 15.78
CA ASP B 338 -15.49 26.37 16.58
C ASP B 338 -16.51 27.04 15.67
N VAL B 339 -17.72 26.51 15.72
CA VAL B 339 -18.79 26.98 14.86
C VAL B 339 -19.27 28.36 15.29
N SER B 340 -19.06 28.67 16.58
CA SER B 340 -19.43 29.95 17.15
C SER B 340 -18.21 30.88 17.24
N LYS B 341 -17.54 31.09 16.10
CA LYS B 341 -16.54 32.14 16.02
C LYS B 341 -16.11 32.41 14.59
N ASP B 342 -17.08 32.69 13.71
CA ASP B 342 -16.79 32.89 12.30
C ASP B 342 -17.60 34.02 11.63
N LYS B 343 -18.43 33.63 10.68
CA LYS B 343 -19.22 34.54 9.85
C LYS B 343 -20.64 33.98 9.76
N ARG B 344 -21.26 33.84 10.94
CA ARG B 344 -22.58 33.22 11.05
C ARG B 344 -23.50 33.75 12.16
N PHE B 345 -22.94 34.07 13.31
CA PHE B 345 -23.73 34.22 14.54
C PHE B 345 -24.43 32.88 14.85
N PRO B 346 -24.16 32.29 16.03
CA PRO B 346 -24.88 31.08 16.47
C PRO B 346 -26.13 31.39 17.31
N CYS B 359 -24.66 23.53 20.81
CA CYS B 359 -24.08 22.19 20.50
C CYS B 359 -23.15 22.25 19.28
N ILE B 360 -23.73 22.48 18.10
CA ILE B 360 -23.05 22.37 16.81
C ILE B 360 -21.64 22.96 16.80
N ARG B 361 -20.78 22.44 17.68
CA ARG B 361 -19.48 23.07 17.98
C ARG B 361 -18.50 23.09 16.79
N SER B 362 -18.67 22.13 15.88
CA SER B 362 -17.60 21.72 14.97
C SER B 362 -18.20 21.23 13.65
N LEU B 363 -17.67 21.75 12.55
CA LEU B 363 -18.33 21.59 11.28
C LEU B 363 -17.41 21.09 10.17
N LEU B 364 -17.77 19.94 9.62
CA LEU B 364 -17.31 19.60 8.29
C LEU B 364 -18.46 19.62 7.30
N CYS B 365 -18.35 20.51 6.32
CA CYS B 365 -19.20 20.45 5.14
C CYS B 365 -18.41 20.25 3.87
N THR B 366 -18.73 19.16 3.16
CA THR B 366 -18.13 18.92 1.85
C THR B 366 -19.17 18.96 0.73
N PRO B 367 -18.77 19.45 -0.46
CA PRO B 367 -19.69 19.53 -1.56
C PRO B 367 -19.67 18.24 -2.33
N ILE B 368 -20.82 17.57 -2.40
CA ILE B 368 -21.07 16.57 -3.42
C ILE B 368 -21.15 17.17 -4.82
N LYS B 369 -20.06 17.13 -5.57
CA LYS B 369 -20.07 17.42 -7.01
C LYS B 369 -20.77 16.34 -7.88
N ASN B 370 -20.38 16.25 -9.15
CA ASN B 370 -21.19 15.54 -10.12
C ASN B 370 -20.35 14.87 -11.18
N GLY B 371 -21.01 14.21 -12.12
CA GLY B 371 -20.33 13.67 -13.29
C GLY B 371 -19.05 14.42 -13.53
N LYS B 372 -19.14 15.52 -14.28
CA LYS B 372 -17.97 16.19 -14.82
C LYS B 372 -17.29 17.05 -13.76
N LYS B 373 -17.85 17.04 -12.54
CA LYS B 373 -17.19 17.64 -11.37
C LYS B 373 -17.13 19.17 -11.47
N ASN B 374 -18.21 19.76 -11.96
CA ASN B 374 -18.26 21.20 -12.22
C ASN B 374 -19.59 21.78 -11.78
N LYS B 375 -20.46 20.93 -11.30
CA LYS B 375 -21.75 21.36 -10.77
C LYS B 375 -21.87 20.74 -9.40
N VAL B 376 -22.77 21.23 -8.57
CA VAL B 376 -22.83 20.74 -7.22
C VAL B 376 -24.15 20.03 -6.92
N ILE B 377 -24.44 18.98 -7.68
CA ILE B 377 -25.40 17.96 -7.24
C ILE B 377 -25.99 18.15 -5.84
N GLY B 378 -25.14 18.27 -4.82
CA GLY B 378 -25.59 18.20 -3.43
C GLY B 378 -24.58 18.69 -2.39
N VAL B 379 -24.92 18.54 -1.10
CA VAL B 379 -23.96 18.85 -0.03
C VAL B 379 -24.02 17.97 1.23
N CYS B 380 -22.84 17.69 1.79
CA CYS B 380 -22.72 16.82 2.94
C CYS B 380 -22.12 17.62 4.09
N GLN B 381 -22.75 17.54 5.26
CA GLN B 381 -22.13 18.11 6.46
C GLN B 381 -22.28 17.28 7.73
N LEU B 382 -21.27 17.39 8.60
CA LEU B 382 -21.25 16.63 9.83
C LEU B 382 -20.88 17.52 11.00
N VAL B 383 -21.28 17.09 12.20
CA VAL B 383 -21.13 17.93 13.39
C VAL B 383 -20.48 17.24 14.59
N ASN B 384 -19.50 17.93 15.17
CA ASN B 384 -18.82 17.48 16.37
C ASN B 384 -18.01 16.20 16.16
N LYS B 385 -16.76 16.36 15.74
CA LYS B 385 -15.84 15.24 15.69
C LYS B 385 -15.43 14.95 17.12
N MET B 386 -15.63 13.73 17.57
CA MET B 386 -15.44 13.44 18.97
C MET B 386 -14.53 12.24 19.23
N GLU B 387 -13.29 12.52 19.66
CA GLU B 387 -12.28 11.48 19.80
C GLU B 387 -12.82 10.32 20.62
N GLU B 388 -12.47 9.09 20.24
CA GLU B 388 -12.94 7.94 21.01
C GLU B 388 -12.07 7.71 22.26
N ASN B 389 -12.66 7.09 23.27
CA ASN B 389 -12.08 7.03 24.63
C ASN B 389 -12.52 8.16 25.54
N THR B 390 -13.71 8.70 25.29
CA THR B 390 -14.04 10.07 25.66
C THR B 390 -15.48 10.35 25.32
N GLY B 391 -15.71 10.61 24.03
CA GLY B 391 -16.89 11.33 23.62
C GLY B 391 -16.58 12.79 23.36
N LYS B 392 -15.48 13.29 23.91
CA LYS B 392 -15.19 14.72 23.85
C LYS B 392 -15.27 15.26 22.40
N VAL B 393 -16.01 16.35 22.20
CA VAL B 393 -16.01 16.99 20.89
C VAL B 393 -14.72 17.74 20.66
N LYS B 394 -14.51 18.21 19.43
CA LYS B 394 -13.18 18.24 18.80
C LYS B 394 -13.29 18.52 17.29
N PRO B 395 -12.38 19.34 16.75
CA PRO B 395 -12.43 19.84 15.37
C PRO B 395 -12.16 18.75 14.35
N PHE B 396 -12.20 19.12 13.08
CA PHE B 396 -11.80 18.18 12.02
C PHE B 396 -10.41 18.54 11.53
N ASN B 397 -9.71 17.56 10.98
CA ASN B 397 -8.35 17.80 10.44
C ASN B 397 -8.20 17.20 9.06
N ARG B 398 -6.96 17.22 8.55
CA ARG B 398 -6.69 16.84 7.15
C ARG B 398 -7.15 15.46 6.85
N ASN B 399 -6.87 14.53 7.75
CA ASN B 399 -7.44 13.21 7.59
C ASN B 399 -8.91 13.31 7.23
N ASP B 400 -9.64 14.04 8.06
CA ASP B 400 -11.09 13.95 8.10
C ASP B 400 -11.67 14.56 6.86
N GLU B 401 -11.05 15.65 6.41
CA GLU B 401 -11.37 16.26 5.14
C GLU B 401 -11.15 15.26 4.03
N GLN B 402 -9.98 14.61 4.05
CA GLN B 402 -9.48 13.82 2.91
C GLN B 402 -10.36 12.62 2.66
N PHE B 403 -10.79 11.97 3.73
CA PHE B 403 -11.57 10.79 3.53
C PHE B 403 -12.89 11.21 2.91
N LEU B 404 -13.38 12.36 3.34
CA LEU B 404 -14.69 12.84 2.90
C LEU B 404 -14.54 13.37 1.48
N GLU B 405 -13.38 13.93 1.20
CA GLU B 405 -13.10 14.42 -0.12
C GLU B 405 -13.33 13.27 -1.10
N ALA B 406 -12.89 12.08 -0.70
CA ALA B 406 -13.02 10.89 -1.54
C ALA B 406 -14.43 10.35 -1.45
N PHE B 407 -14.92 10.15 -0.24
CA PHE B 407 -16.18 9.45 -0.13
C PHE B 407 -17.28 10.24 -0.82
N VAL B 408 -17.02 11.53 -1.00
CA VAL B 408 -17.98 12.39 -1.66
C VAL B 408 -18.12 12.05 -3.14
N ILE B 409 -16.99 11.80 -3.81
CA ILE B 409 -17.00 11.45 -5.24
C ILE B 409 -18.09 10.45 -5.52
N PHE B 410 -17.92 9.24 -5.01
CA PHE B 410 -18.86 8.19 -5.29
C PHE B 410 -20.29 8.64 -4.94
N CYS B 411 -20.47 9.11 -3.70
CA CYS B 411 -21.68 9.84 -3.32
C CYS B 411 -22.26 10.74 -4.42
N GLY B 412 -21.46 11.66 -4.92
CA GLY B 412 -21.74 12.20 -6.25
C GLY B 412 -22.46 11.21 -7.15
N LEU B 413 -21.73 10.27 -7.74
CA LEU B 413 -22.30 9.44 -8.80
C LEU B 413 -23.47 8.65 -8.28
N GLY B 414 -23.26 8.05 -7.12
CA GLY B 414 -24.36 7.51 -6.36
C GLY B 414 -25.60 8.35 -6.59
N ILE B 415 -25.57 9.58 -6.11
CA ILE B 415 -26.78 10.38 -6.04
C ILE B 415 -27.28 10.73 -7.43
N GLN B 416 -26.61 11.67 -8.08
CA GLN B 416 -26.65 11.80 -9.54
C GLN B 416 -27.42 10.69 -10.28
N ASN B 417 -27.06 9.43 -10.02
CA ASN B 417 -27.59 8.33 -10.83
C ASN B 417 -28.98 7.91 -10.40
N THR B 418 -29.22 7.98 -9.09
CA THR B 418 -30.56 7.83 -8.50
C THR B 418 -31.56 8.91 -8.95
N GLN B 419 -31.12 10.17 -8.85
CA GLN B 419 -31.81 11.30 -9.48
C GLN B 419 -32.39 10.99 -10.86
N MET B 420 -31.58 10.40 -11.73
CA MET B 420 -32.01 10.14 -13.10
C MET B 420 -33.15 9.14 -13.07
N TYR B 421 -33.22 8.36 -12.00
CA TYR B 421 -34.15 7.24 -11.94
C TYR B 421 -35.52 7.75 -11.54
N GLU B 422 -35.55 8.43 -10.39
CA GLU B 422 -36.64 9.31 -10.01
C GLU B 422 -37.13 10.31 -11.08
N ALA B 423 -36.24 10.76 -11.94
CA ALA B 423 -36.65 11.58 -13.07
C ALA B 423 -37.50 10.79 -14.08
N VAL B 424 -37.71 9.50 -13.83
CA VAL B 424 -38.61 8.71 -14.66
C VAL B 424 -39.75 8.14 -13.85
N GLU B 425 -39.53 7.94 -12.55
CA GLU B 425 -40.63 7.76 -11.63
C GLU B 425 -41.55 8.97 -11.67
N ARG B 426 -40.95 10.14 -11.91
CA ARG B 426 -41.65 11.41 -11.90
C ARG B 426 -42.15 11.83 -13.28
N ALA B 427 -41.61 11.21 -14.33
CA ALA B 427 -42.21 11.32 -15.66
C ALA B 427 -43.51 10.53 -15.68
N MET B 428 -43.59 9.51 -14.83
CA MET B 428 -44.71 8.59 -14.88
C MET B 428 -45.79 8.97 -13.87
N ALA B 429 -45.48 9.95 -13.02
CA ALA B 429 -46.49 10.59 -12.17
C ALA B 429 -47.04 11.87 -12.79
N LYS B 430 -47.10 11.91 -14.13
CA LYS B 430 -47.82 12.94 -14.86
C LYS B 430 -49.09 12.37 -15.49
N ARG B 431 -49.02 11.11 -15.91
CA ARG B 431 -50.21 10.24 -16.02
C ARG B 431 -50.84 9.93 -14.65
N ASN B 432 -50.37 8.85 -14.02
CA ASN B 432 -50.73 8.53 -12.63
C ASN B 432 -49.98 9.38 -11.58
#